data_3ZPQ
#
_entry.id   3ZPQ
#
_cell.length_a   89.852
_cell.length_b   61.441
_cell.length_c   100.784
_cell.angle_alpha   90.00
_cell.angle_beta   108.89
_cell.angle_gamma   90.00
#
_symmetry.space_group_name_H-M   'P 1 21 1'
#
loop_
_entity.id
_entity.type
_entity.pdbx_description
1 polymer 'BETA-1 ADRENERGIC RECEPTOR'
2 non-polymer 'CHOLESTEROL HEMISUCCINATE'
3 non-polymer HEGA-10
4 non-polymer 4-(PIPERAZIN-1-YL)-1H-INDOLE
5 non-polymer 'SODIUM ION'
6 water water
#
_entity_poly.entity_id   1
_entity_poly.type   'polypeptide(L)'
_entity_poly.pdbx_seq_one_letter_code
;MGAELLSQQWEAGMSLLMALVVLLIVAGNVLVIAAIGSTQRLQTLTNLFITSLACADLVVGLLVVPFGATLVVRGTWLWG
SFLCELWTSLDVLCVTASIETLCVIAIDRYLAITSPFRYQSLMTRARAKVIICTVWAISALVSFLPIMMHWWRDEDPQAL
KCYQDPGCCDFVTNRAYAIASSIISFYIPLLIMIFVALRVYREAKEQIRKIDRASKRKTSRVMLMREHKALKTLGIIMGV
FTLCWLPFFLVNIVNVFNRDLVPDWLFVAFNWLGYANSAMNPIIYCRSPDFRKAFKRLLAFPRKADRRLHHHHHH
;
_entity_poly.pdbx_strand_id   A,B
#
loop_
_chem_comp.id
_chem_comp.type
_chem_comp.name
_chem_comp.formula
2CV non-polymer HEGA-10 'C18 H37 N O7'
NA non-polymer 'SODIUM ION' 'Na 1'
XF5 non-polymer 4-(PIPERAZIN-1-YL)-1H-INDOLE 'C12 H15 N3'
Y01 non-polymer 'CHOLESTEROL HEMISUCCINATE' 'C31 H50 O4'
#
# COMPACT_ATOMS: atom_id res chain seq x y z
N GLY A 2 -44.49 6.77 26.92
CA GLY A 2 -43.31 6.20 27.64
C GLY A 2 -42.17 5.97 26.67
N ALA A 3 -42.39 5.04 25.74
CA ALA A 3 -41.44 4.75 24.67
C ALA A 3 -41.34 5.93 23.71
N GLU A 4 -42.49 6.57 23.45
CA GLU A 4 -42.56 7.75 22.58
C GLU A 4 -41.97 9.01 23.23
N LEU A 5 -42.22 9.19 24.53
CA LEU A 5 -41.64 10.29 25.29
C LEU A 5 -40.14 10.14 25.45
N LEU A 6 -39.67 8.90 25.58
CA LEU A 6 -38.26 8.64 25.85
C LEU A 6 -37.41 8.90 24.61
N SER A 7 -37.94 8.50 23.46
CA SER A 7 -37.28 8.68 22.17
C SER A 7 -37.29 10.13 21.75
N GLN A 8 -38.33 10.87 22.14
CA GLN A 8 -38.35 12.29 21.84
C GLN A 8 -37.30 13.07 22.67
N GLN A 9 -37.04 12.61 23.89
CA GLN A 9 -36.03 13.23 24.76
C GLN A 9 -34.63 12.93 24.25
N TRP A 10 -34.45 11.68 23.83
CA TRP A 10 -33.17 11.20 23.32
C TRP A 10 -32.85 11.87 22.01
N GLU A 11 -33.82 11.88 21.09
CA GLU A 11 -33.59 12.43 19.76
C GLU A 11 -33.22 13.89 19.86
N ALA A 12 -33.96 14.64 20.66
CA ALA A 12 -33.72 16.07 20.82
C ALA A 12 -32.34 16.34 21.42
N GLY A 13 -31.95 15.55 22.42
CA GLY A 13 -30.68 15.78 23.13
C GLY A 13 -29.46 15.37 22.34
N MET A 14 -29.58 14.30 21.55
CA MET A 14 -28.49 13.85 20.67
C MET A 14 -28.37 14.79 19.48
N SER A 15 -29.50 15.17 18.89
CA SER A 15 -29.47 16.17 17.84
C SER A 15 -28.72 17.44 18.24
N LEU A 16 -28.77 17.80 19.52
CA LEU A 16 -28.08 19.00 20.02
C LEU A 16 -26.60 18.73 20.16
N LEU A 17 -26.29 17.61 20.78
CA LEU A 17 -24.91 17.17 20.95
C LEU A 17 -24.19 17.02 19.60
N MET A 18 -24.89 16.47 18.61
CA MET A 18 -24.36 16.30 17.28
C MET A 18 -24.15 17.63 16.59
N ALA A 19 -25.10 18.56 16.74
CA ALA A 19 -24.92 19.92 16.23
C ALA A 19 -23.65 20.56 16.80
N LEU A 20 -23.46 20.40 18.11
CA LEU A 20 -22.33 21.02 18.79
C LEU A 20 -21.03 20.44 18.25
N VAL A 21 -20.98 19.11 18.09
CA VAL A 21 -19.81 18.45 17.51
C VAL A 21 -19.54 18.99 16.10
N VAL A 22 -20.57 19.03 15.26
CA VAL A 22 -20.41 19.55 13.91
C VAL A 22 -19.90 20.97 13.93
N LEU A 23 -20.49 21.80 14.78
CA LEU A 23 -20.09 23.22 14.89
C LEU A 23 -18.63 23.36 15.32
N LEU A 24 -18.22 22.55 16.27
CA LEU A 24 -16.85 22.61 16.81
C LEU A 24 -15.81 22.17 15.76
N ILE A 25 -16.13 21.11 15.03
CA ILE A 25 -15.27 20.63 13.94
C ILE A 25 -15.21 21.66 12.82
N VAL A 26 -16.35 22.19 12.41
CA VAL A 26 -16.37 23.12 11.28
C VAL A 26 -15.80 24.51 11.62
N ALA A 27 -16.22 25.08 12.75
CA ALA A 27 -15.69 26.39 13.18
C ALA A 27 -14.18 26.29 13.42
N GLY A 28 -13.75 25.27 14.16
CA GLY A 28 -12.34 25.11 14.49
C GLY A 28 -11.39 24.96 13.31
N ASN A 29 -11.81 24.23 12.28
CA ASN A 29 -10.96 23.94 11.12
C ASN A 29 -11.01 25.04 10.06
N VAL A 30 -12.18 25.62 9.83
CA VAL A 30 -12.26 26.88 9.05
C VAL A 30 -11.34 27.96 9.65
N LEU A 31 -11.31 28.08 10.98
CA LEU A 31 -10.36 28.98 11.61
C LEU A 31 -8.91 28.63 11.25
N VAL A 32 -8.55 27.34 11.32
CA VAL A 32 -7.18 26.94 11.02
C VAL A 32 -6.83 27.29 9.56
N ILE A 33 -7.81 27.18 8.67
CA ILE A 33 -7.59 27.47 7.24
C ILE A 33 -7.56 28.96 6.98
N ALA A 34 -8.49 29.71 7.58
CA ALA A 34 -8.49 31.17 7.46
C ALA A 34 -7.27 31.81 8.12
N ALA A 35 -6.82 31.26 9.25
CA ALA A 35 -5.61 31.75 9.92
C ALA A 35 -4.38 31.67 9.01
N ILE A 36 -4.13 30.47 8.51
CA ILE A 36 -2.99 30.22 7.62
C ILE A 36 -3.11 31.04 6.33
N GLY A 37 -4.32 31.17 5.81
CA GLY A 37 -4.54 31.83 4.53
C GLY A 37 -4.42 33.34 4.56
N SER A 38 -4.40 33.92 5.76
CA SER A 38 -4.44 35.37 5.91
C SER A 38 -3.31 35.90 6.79
N THR A 39 -2.34 35.05 7.14
CA THR A 39 -1.23 35.45 8.00
C THR A 39 0.08 35.06 7.34
N GLN A 40 0.77 36.03 6.75
CA GLN A 40 2.01 35.76 6.01
C GLN A 40 2.98 34.96 6.85
N ARG A 41 2.96 35.17 8.18
CA ARG A 41 3.88 34.49 9.09
C ARG A 41 3.55 33.00 9.27
N LEU A 42 2.28 32.63 9.11
CA LEU A 42 1.86 31.23 9.19
C LEU A 42 1.90 30.51 7.83
N GLN A 43 2.32 31.19 6.79
CA GLN A 43 2.38 30.57 5.47
C GLN A 43 3.70 29.83 5.20
N THR A 44 4.08 28.96 6.14
CA THR A 44 5.21 28.04 5.95
C THR A 44 4.77 26.82 5.16
N LEU A 45 5.73 26.14 4.54
CA LEU A 45 5.43 24.93 3.79
C LEU A 45 4.80 23.88 4.69
N THR A 46 5.30 23.74 5.91
CA THR A 46 4.73 22.81 6.88
C THR A 46 3.24 23.06 7.07
N ASN A 47 2.85 24.32 7.10
CA ASN A 47 1.45 24.66 7.32
C ASN A 47 0.56 24.42 6.12
N LEU A 48 1.15 24.23 4.94
CA LEU A 48 0.39 23.79 3.79
C LEU A 48 -0.12 22.37 4.06
N PHE A 49 0.72 21.56 4.67
CA PHE A 49 0.33 20.21 5.08
C PHE A 49 -0.73 20.26 6.19
N ILE A 50 -0.61 21.21 7.10
CA ILE A 50 -1.62 21.40 8.14
C ILE A 50 -2.96 21.76 7.51
N THR A 51 -2.93 22.57 6.47
CA THR A 51 -4.16 22.96 5.77
C THR A 51 -4.82 21.76 5.12
N SER A 52 -4.01 20.86 4.59
CA SER A 52 -4.50 19.64 3.98
C SER A 52 -5.21 18.80 5.03
N LEU A 53 -4.58 18.70 6.20
CA LEU A 53 -5.12 18.01 7.36
C LEU A 53 -6.45 18.64 7.84
N ALA A 54 -6.53 19.96 7.79
CA ALA A 54 -7.75 20.66 8.19
C ALA A 54 -8.90 20.42 7.18
N CYS A 55 -8.55 20.27 5.90
CA CYS A 55 -9.53 19.89 4.89
C CYS A 55 -10.08 18.50 5.12
N ALA A 56 -9.24 17.57 5.56
CA ALA A 56 -9.70 16.24 5.87
C ALA A 56 -10.70 16.28 7.01
N ASP A 57 -10.39 17.08 8.04
CA ASP A 57 -11.27 17.21 9.19
C ASP A 57 -12.53 18.00 8.86
N LEU A 58 -12.39 19.00 7.99
CA LEU A 58 -13.52 19.78 7.52
C LEU A 58 -14.52 18.86 6.81
N VAL A 59 -14.01 17.97 5.96
CA VAL A 59 -14.89 17.06 5.23
C VAL A 59 -15.59 16.13 6.23
N VAL A 60 -14.91 15.79 7.34
CA VAL A 60 -15.54 14.99 8.39
C VAL A 60 -16.69 15.77 9.07
N GLY A 61 -16.49 17.06 9.29
CA GLY A 61 -17.50 17.92 9.88
C GLY A 61 -18.66 18.19 8.95
N LEU A 62 -18.37 18.43 7.68
CA LEU A 62 -19.42 18.81 6.73
C LEU A 62 -20.19 17.61 6.15
N LEU A 63 -19.59 16.44 6.10
CA LEU A 63 -20.26 15.32 5.41
C LEU A 63 -20.30 14.04 6.22
N VAL A 64 -19.14 13.62 6.74
CA VAL A 64 -19.08 12.34 7.42
C VAL A 64 -19.95 12.34 8.67
N VAL A 65 -19.75 13.31 9.55
CA VAL A 65 -20.43 13.34 10.86
C VAL A 65 -21.94 13.65 10.76
N PRO A 66 -22.34 14.67 10.00
CA PRO A 66 -23.77 14.91 9.79
C PRO A 66 -24.55 13.68 9.36
N PHE A 67 -24.04 12.96 8.36
CA PHE A 67 -24.70 11.76 7.89
C PHE A 67 -24.75 10.74 9.01
N GLY A 68 -23.63 10.55 9.69
CA GLY A 68 -23.55 9.60 10.80
C GLY A 68 -24.42 9.99 11.97
N ALA A 69 -24.65 11.28 12.15
CA ALA A 69 -25.52 11.77 13.20
C ALA A 69 -26.95 11.37 12.88
N THR A 70 -27.41 11.64 11.65
CA THR A 70 -28.75 11.26 11.25
C THR A 70 -29.01 9.77 11.51
N LEU A 71 -27.96 8.95 11.38
CA LEU A 71 -28.06 7.53 11.65
C LEU A 71 -28.20 7.29 13.15
N VAL A 72 -27.33 7.89 13.95
CA VAL A 72 -27.33 7.69 15.40
C VAL A 72 -28.67 8.19 15.98
N VAL A 73 -29.08 9.40 15.57
CA VAL A 73 -30.32 10.02 16.06
C VAL A 73 -31.60 9.32 15.64
N ARG A 74 -31.82 9.22 14.34
CA ARG A 74 -33.10 8.76 13.80
C ARG A 74 -33.28 7.23 13.84
N GLY A 75 -32.22 6.50 14.16
CA GLY A 75 -32.30 5.04 14.21
C GLY A 75 -32.39 4.28 12.90
N THR A 76 -32.23 4.97 11.77
CA THR A 76 -32.04 4.32 10.44
C THR A 76 -31.32 5.23 9.45
N TRP A 77 -30.95 4.62 8.32
CA TRP A 77 -30.34 5.31 7.20
C TRP A 77 -31.40 5.81 6.29
N LEU A 78 -31.45 7.13 6.07
CA LEU A 78 -32.56 7.78 5.36
C LEU A 78 -32.25 8.18 3.91
N TRP A 79 -31.06 7.88 3.42
CA TRP A 79 -30.57 8.55 2.22
C TRP A 79 -30.33 7.64 1.05
N GLY A 80 -30.66 6.36 1.18
CA GLY A 80 -30.52 5.44 0.07
C GLY A 80 -29.16 4.78 -0.02
N SER A 81 -29.07 3.74 -0.84
CA SER A 81 -27.88 2.90 -0.88
C SER A 81 -26.65 3.59 -1.49
N PHE A 82 -26.84 4.42 -2.51
CA PHE A 82 -25.71 5.11 -3.14
C PHE A 82 -25.00 6.00 -2.15
N LEU A 83 -25.76 6.90 -1.53
CA LEU A 83 -25.22 7.81 -0.53
C LEU A 83 -24.63 7.05 0.68
N CYS A 84 -25.18 5.89 1.00
CA CYS A 84 -24.61 5.07 2.06
C CYS A 84 -23.17 4.67 1.72
N GLU A 85 -22.96 4.30 0.46
CA GLU A 85 -21.65 3.91 -0.02
C GLU A 85 -20.75 5.11 -0.21
N LEU A 86 -21.26 6.20 -0.77
CA LEU A 86 -20.46 7.43 -0.92
C LEU A 86 -19.97 7.85 0.46
N TRP A 87 -20.86 7.80 1.44
CA TRP A 87 -20.55 8.23 2.80
C TRP A 87 -19.46 7.40 3.44
N THR A 88 -19.55 6.09 3.28
CA THR A 88 -18.52 5.20 3.78
C THR A 88 -17.20 5.52 3.12
N SER A 89 -17.27 5.74 1.81
CA SER A 89 -16.10 6.09 1.03
C SER A 89 -15.40 7.31 1.57
N LEU A 90 -16.19 8.35 1.85
CA LEU A 90 -15.65 9.61 2.32
C LEU A 90 -15.06 9.43 3.71
N ASP A 91 -15.65 8.51 4.47
CA ASP A 91 -15.15 8.18 5.78
C ASP A 91 -13.76 7.55 5.69
N VAL A 92 -13.63 6.51 4.86
CA VAL A 92 -12.34 5.88 4.68
C VAL A 92 -11.33 6.89 4.07
N LEU A 93 -11.79 7.72 3.12
CA LEU A 93 -10.89 8.68 2.49
C LEU A 93 -10.24 9.58 3.54
N CYS A 94 -11.05 10.08 4.46
CA CYS A 94 -10.59 11.12 5.38
C CYS A 94 -9.60 10.59 6.39
N VAL A 95 -9.81 9.39 6.89
CA VAL A 95 -8.85 8.79 7.83
C VAL A 95 -7.54 8.53 7.11
N THR A 96 -7.63 8.00 5.88
CA THR A 96 -6.46 7.67 5.07
C THR A 96 -5.67 8.94 4.76
N ALA A 97 -6.32 9.94 4.17
CA ALA A 97 -5.66 11.22 3.85
C ALA A 97 -5.01 11.82 5.09
N SER A 98 -5.74 11.79 6.21
CA SER A 98 -5.21 12.27 7.50
C SER A 98 -3.89 11.63 7.93
N ILE A 99 -3.85 10.31 8.01
CA ILE A 99 -2.66 9.60 8.52
C ILE A 99 -1.52 9.68 7.51
N GLU A 100 -1.84 9.73 6.22
CA GLU A 100 -0.83 9.90 5.20
C GLU A 100 -0.26 11.31 5.27
N THR A 101 -1.11 12.31 5.48
CA THR A 101 -0.61 13.66 5.65
C THR A 101 0.29 13.76 6.89
N LEU A 102 -0.05 13.05 7.96
CA LEU A 102 0.71 13.14 9.22
C LEU A 102 2.10 12.56 9.00
N CYS A 103 2.11 11.54 8.16
CA CYS A 103 3.30 10.87 7.75
C CYS A 103 4.23 11.85 6.99
N VAL A 104 3.67 12.57 6.02
CA VAL A 104 4.39 13.57 5.22
C VAL A 104 4.95 14.69 6.09
N ILE A 105 4.18 15.13 7.07
CA ILE A 105 4.60 16.16 8.05
C ILE A 105 5.80 15.66 8.88
N ALA A 106 5.75 14.41 9.33
CA ALA A 106 6.86 13.83 10.08
C ALA A 106 8.12 13.81 9.19
N ILE A 107 7.95 13.41 7.93
CA ILE A 107 9.07 13.33 7.00
C ILE A 107 9.62 14.72 6.70
N ASP A 108 8.72 15.66 6.49
CA ASP A 108 9.08 17.06 6.23
C ASP A 108 10.00 17.58 7.35
N ARG A 109 9.61 17.32 8.59
CA ARG A 109 10.40 17.77 9.74
C ARG A 109 11.72 17.03 9.86
N TYR A 110 11.71 15.74 9.57
CA TYR A 110 12.95 14.98 9.64
C TYR A 110 13.97 15.59 8.70
N LEU A 111 13.57 15.87 7.47
CA LEU A 111 14.47 16.44 6.47
C LEU A 111 14.88 17.85 6.87
N ALA A 112 13.93 18.63 7.37
CA ALA A 112 14.21 19.97 7.85
C ALA A 112 15.26 19.95 8.94
N ILE A 113 15.17 18.97 9.85
CA ILE A 113 16.05 18.95 11.03
C ILE A 113 17.42 18.34 10.78
N THR A 114 17.53 17.40 9.85
CA THR A 114 18.77 16.70 9.60
C THR A 114 19.55 17.32 8.47
N SER A 115 18.87 17.94 7.53
CA SER A 115 19.54 18.58 6.42
C SER A 115 18.84 19.88 6.04
N PRO A 116 18.98 20.92 6.88
CA PRO A 116 18.29 22.21 6.71
C PRO A 116 18.52 22.85 5.34
N PHE A 117 19.75 22.73 4.85
CA PHE A 117 20.14 23.34 3.59
C PHE A 117 19.55 22.56 2.41
N ARG A 118 19.77 21.26 2.39
CA ARG A 118 19.24 20.43 1.30
C ARG A 118 17.73 20.63 1.24
N TYR A 119 17.09 20.63 2.41
CA TYR A 119 15.68 20.92 2.55
C TYR A 119 15.30 22.26 1.91
N GLN A 120 16.01 23.32 2.27
CA GLN A 120 15.75 24.67 1.73
C GLN A 120 15.59 24.65 0.22
N SER A 121 16.51 23.98 -0.47
CA SER A 121 16.54 24.04 -1.93
C SER A 121 15.61 23.02 -2.56
N LEU A 122 15.63 21.79 -2.04
CA LEU A 122 14.71 20.74 -2.49
C LEU A 122 13.25 21.16 -2.37
N MET A 123 12.87 21.68 -1.20
CA MET A 123 11.46 21.81 -0.84
C MET A 123 10.90 23.20 -1.14
N THR A 124 10.03 23.28 -2.14
CA THR A 124 9.38 24.53 -2.53
C THR A 124 7.86 24.43 -2.41
N ARG A 125 7.16 25.52 -2.73
CA ARG A 125 5.69 25.54 -2.65
C ARG A 125 5.06 24.64 -3.71
N ALA A 126 5.59 24.70 -4.93
CA ALA A 126 5.08 23.85 -6.01
C ALA A 126 5.14 22.36 -5.63
N ARG A 127 6.27 21.95 -5.03
CA ARG A 127 6.44 20.56 -4.62
C ARG A 127 5.54 20.22 -3.42
N ALA A 128 5.43 21.13 -2.46
CA ALA A 128 4.49 20.94 -1.35
C ALA A 128 3.07 20.67 -1.86
N LYS A 129 2.65 21.37 -2.90
CA LYS A 129 1.35 21.12 -3.56
C LYS A 129 1.26 19.78 -4.27
N VAL A 130 2.31 19.38 -4.97
CA VAL A 130 2.33 18.07 -5.62
C VAL A 130 2.23 16.98 -4.55
N ILE A 131 2.98 17.15 -3.46
CA ILE A 131 2.99 16.19 -2.36
C ILE A 131 1.58 16.03 -1.85
N ILE A 132 0.91 17.15 -1.61
CA ILE A 132 -0.47 17.14 -1.10
C ILE A 132 -1.43 16.45 -2.06
N CYS A 133 -1.33 16.74 -3.34
CA CYS A 133 -2.23 16.11 -4.32
C CYS A 133 -2.00 14.62 -4.44
N THR A 134 -0.74 14.21 -4.33
CA THR A 134 -0.37 12.80 -4.38
C THR A 134 -1.02 12.03 -3.21
N VAL A 135 -0.89 12.56 -1.99
CA VAL A 135 -1.52 11.95 -0.82
C VAL A 135 -3.03 11.78 -0.99
N TRP A 136 -3.70 12.78 -1.54
CA TRP A 136 -5.14 12.66 -1.81
C TRP A 136 -5.45 11.72 -2.95
N ALA A 137 -4.56 11.64 -3.93
CA ALA A 137 -4.70 10.68 -5.03
C ALA A 137 -4.65 9.24 -4.48
N ILE A 138 -3.58 8.96 -3.72
CA ILE A 138 -3.37 7.62 -3.11
C ILE A 138 -4.49 7.25 -2.16
N SER A 139 -4.93 8.23 -1.37
CA SER A 139 -6.04 8.04 -0.46
C SER A 139 -7.34 7.76 -1.20
N ALA A 140 -7.62 8.52 -2.25
CA ALA A 140 -8.83 8.32 -3.07
C ALA A 140 -8.79 6.94 -3.69
N LEU A 141 -7.62 6.59 -4.19
CA LEU A 141 -7.39 5.31 -4.84
C LEU A 141 -7.72 4.12 -3.93
N VAL A 142 -7.20 4.13 -2.71
CA VAL A 142 -7.38 3.00 -1.80
C VAL A 142 -8.67 3.08 -0.99
N SER A 143 -9.48 4.11 -1.23
CA SER A 143 -10.76 4.29 -0.54
C SER A 143 -11.95 4.02 -1.40
N PHE A 144 -12.10 4.80 -2.48
CA PHE A 144 -13.27 4.74 -3.35
C PHE A 144 -13.31 3.44 -4.15
N LEU A 145 -12.22 3.14 -4.84
CA LEU A 145 -12.26 2.04 -5.79
C LEU A 145 -12.68 0.71 -5.16
N PRO A 146 -12.04 0.27 -4.07
CA PRO A 146 -12.50 -1.01 -3.51
C PRO A 146 -13.94 -0.98 -3.01
N ILE A 147 -14.42 0.21 -2.63
CA ILE A 147 -15.74 0.31 -2.04
C ILE A 147 -16.81 0.32 -3.12
N MET A 148 -16.51 0.98 -4.24
CA MET A 148 -17.44 0.98 -5.37
C MET A 148 -17.38 -0.34 -6.15
N MET A 149 -16.31 -1.11 -5.95
CA MET A 149 -16.21 -2.44 -6.52
C MET A 149 -16.84 -3.52 -5.63
N HIS A 150 -17.41 -3.12 -4.50
CA HIS A 150 -17.97 -4.09 -3.56
C HIS A 150 -16.98 -5.15 -3.09
N TRP A 151 -15.67 -4.83 -3.10
CA TRP A 151 -14.67 -5.77 -2.59
C TRP A 151 -14.76 -5.98 -1.12
N TRP A 152 -15.51 -5.15 -0.42
CA TRP A 152 -15.67 -5.24 1.02
C TRP A 152 -16.82 -6.13 1.46
N ARG A 153 -17.65 -6.61 0.54
CA ARG A 153 -18.87 -7.32 0.95
C ARG A 153 -18.66 -8.74 1.41
N ASP A 154 -19.46 -9.14 2.40
CA ASP A 154 -19.48 -10.53 2.87
C ASP A 154 -20.71 -11.26 2.31
N GLU A 155 -20.73 -12.58 2.45
CA GLU A 155 -21.88 -13.41 2.13
C GLU A 155 -22.55 -13.98 3.38
N ASP A 156 -22.03 -13.64 4.56
CA ASP A 156 -22.64 -13.97 5.85
C ASP A 156 -24.17 -13.79 5.78
N PRO A 157 -24.93 -14.45 6.69
CA PRO A 157 -26.40 -14.21 6.67
C PRO A 157 -26.72 -12.81 7.15
N GLN A 158 -26.02 -12.40 8.21
CA GLN A 158 -26.14 -11.06 8.78
C GLN A 158 -25.74 -9.96 7.78
N ALA A 159 -24.65 -10.18 7.05
CA ALA A 159 -24.19 -9.22 6.06
C ALA A 159 -25.17 -9.07 4.93
N LEU A 160 -25.72 -10.18 4.44
CA LEU A 160 -26.67 -10.13 3.32
C LEU A 160 -28.00 -9.46 3.71
N LYS A 161 -28.47 -9.72 4.93
CA LYS A 161 -29.65 -9.00 5.44
C LYS A 161 -29.45 -7.49 5.28
N CYS A 162 -28.36 -6.98 5.86
CA CYS A 162 -28.06 -5.56 5.85
C CYS A 162 -27.95 -4.99 4.43
N TYR A 163 -27.36 -5.74 3.51
CA TYR A 163 -27.14 -5.21 2.16
C TYR A 163 -28.46 -4.96 1.44
N GLN A 164 -29.42 -5.86 1.58
CA GLN A 164 -30.72 -5.67 0.94
C GLN A 164 -31.52 -4.54 1.57
N ASP A 165 -31.58 -4.52 2.91
CA ASP A 165 -32.29 -3.47 3.66
C ASP A 165 -31.68 -2.08 3.42
N PRO A 166 -32.48 -1.15 2.87
CA PRO A 166 -32.07 0.24 2.58
C PRO A 166 -31.88 1.11 3.81
N GLY A 167 -32.42 0.68 4.94
CA GLY A 167 -32.21 1.36 6.20
C GLY A 167 -30.94 0.95 6.91
N CYS A 168 -30.28 -0.12 6.46
CA CYS A 168 -29.02 -0.51 7.07
C CYS A 168 -27.85 0.05 6.29
N CYS A 169 -27.07 0.91 6.95
CA CYS A 169 -25.77 1.33 6.41
C CYS A 169 -24.70 1.00 7.43
N ASP A 170 -24.67 -0.27 7.83
CA ASP A 170 -23.55 -0.83 8.58
C ASP A 170 -22.46 -1.15 7.59
N PHE A 171 -21.24 -0.75 7.89
CA PHE A 171 -20.10 -1.14 7.08
C PHE A 171 -19.65 -2.50 7.57
N VAL A 172 -20.42 -3.53 7.19
CA VAL A 172 -20.13 -4.92 7.50
C VAL A 172 -19.30 -5.47 6.36
N THR A 173 -18.06 -5.84 6.63
CA THR A 173 -17.14 -6.20 5.57
C THR A 173 -16.62 -7.61 5.74
N ASN A 174 -16.20 -8.24 4.65
CA ASN A 174 -15.47 -9.48 4.77
C ASN A 174 -14.09 -9.29 5.45
N ARG A 175 -13.55 -10.38 5.97
CA ARG A 175 -12.29 -10.36 6.70
C ARG A 175 -11.08 -9.92 5.89
N ALA A 176 -11.05 -10.27 4.60
CA ALA A 176 -9.95 -9.90 3.73
C ALA A 176 -9.84 -8.39 3.64
N TYR A 177 -10.98 -7.74 3.40
CA TYR A 177 -11.03 -6.31 3.26
C TYR A 177 -10.72 -5.63 4.60
N ALA A 178 -11.23 -6.21 5.67
CA ALA A 178 -11.01 -5.67 7.02
C ALA A 178 -9.50 -5.58 7.29
N ILE A 179 -8.77 -6.65 7.00
CA ILE A 179 -7.35 -6.67 7.28
C ILE A 179 -6.62 -5.80 6.25
N ALA A 180 -6.94 -5.97 4.97
CA ALA A 180 -6.26 -5.30 3.87
C ALA A 180 -6.36 -3.80 3.98
N SER A 181 -7.59 -3.33 4.13
CA SER A 181 -7.83 -1.89 4.13
C SER A 181 -7.29 -1.24 5.39
N SER A 182 -7.28 -1.99 6.49
CA SER A 182 -6.76 -1.49 7.75
C SER A 182 -5.27 -1.31 7.63
N ILE A 183 -4.60 -2.32 7.09
CA ILE A 183 -3.15 -2.28 6.89
C ILE A 183 -2.75 -1.17 5.90
N ILE A 184 -3.47 -1.10 4.78
CA ILE A 184 -3.15 -0.12 3.73
C ILE A 184 -3.57 1.31 4.09
N SER A 185 -4.76 1.48 4.67
CA SER A 185 -5.18 2.82 5.06
C SER A 185 -4.56 3.32 6.35
N PHE A 186 -4.31 2.43 7.30
CA PHE A 186 -3.94 2.87 8.64
C PHE A 186 -2.59 2.35 9.16
N TYR A 187 -2.46 1.05 9.37
CA TYR A 187 -1.30 0.52 10.08
C TYR A 187 0.06 0.78 9.44
N ILE A 188 0.14 0.72 8.11
CA ILE A 188 1.42 0.99 7.46
C ILE A 188 1.82 2.44 7.64
N PRO A 189 0.95 3.39 7.25
CA PRO A 189 1.33 4.77 7.51
C PRO A 189 1.45 5.11 9.00
N LEU A 190 0.78 4.38 9.89
CA LEU A 190 1.00 4.59 11.32
C LEU A 190 2.44 4.20 11.68
N LEU A 191 2.89 3.05 11.22
CA LEU A 191 4.23 2.56 11.56
C LEU A 191 5.31 3.51 11.01
N ILE A 192 5.10 4.00 9.79
CA ILE A 192 6.03 4.94 9.16
C ILE A 192 6.13 6.23 9.98
N MET A 193 4.99 6.77 10.35
CA MET A 193 4.91 8.01 11.11
C MET A 193 5.61 7.89 12.46
N ILE A 194 5.34 6.80 13.18
CA ILE A 194 5.99 6.57 14.49
C ILE A 194 7.50 6.42 14.34
N PHE A 195 7.95 5.60 13.40
CA PHE A 195 9.36 5.43 13.14
C PHE A 195 10.03 6.76 12.83
N VAL A 196 9.45 7.55 11.94
CA VAL A 196 10.05 8.84 11.56
C VAL A 196 9.94 9.85 12.70
N ALA A 197 8.87 9.80 13.47
CA ALA A 197 8.68 10.71 14.61
C ALA A 197 9.74 10.46 15.70
N LEU A 198 10.02 9.19 15.99
CA LEU A 198 11.06 8.85 16.94
C LEU A 198 12.43 9.31 16.45
N ARG A 199 12.69 9.20 15.15
CA ARG A 199 13.94 9.72 14.59
C ARG A 199 14.03 11.25 14.75
N VAL A 200 12.92 11.95 14.60
CA VAL A 200 12.92 13.40 14.71
C VAL A 200 13.14 13.78 16.17
N TYR A 201 12.64 12.94 17.08
CA TYR A 201 12.86 13.15 18.51
C TYR A 201 14.35 13.04 18.83
N ARG A 202 14.95 11.93 18.44
CA ARG A 202 16.38 11.71 18.63
C ARG A 202 17.22 12.86 18.11
N GLU A 203 16.90 13.36 16.91
CA GLU A 203 17.66 14.45 16.29
C GLU A 203 17.46 15.77 17.03
N ALA A 204 16.27 15.97 17.56
CA ALA A 204 15.99 17.14 18.39
C ALA A 204 16.81 17.11 19.69
N LYS A 205 17.03 15.91 20.24
CA LYS A 205 17.81 15.76 21.47
C LYS A 205 19.32 15.99 21.27
N GLU A 206 19.83 15.64 20.10
CA GLU A 206 21.24 15.89 19.78
C GLU A 206 21.49 17.36 19.47
N GLN A 207 20.43 18.10 19.12
CA GLN A 207 20.50 19.55 19.01
C GLN A 207 20.56 20.19 20.40
N SER A 220 19.78 32.30 19.54
CA SER A 220 20.33 30.97 19.51
C SER A 220 19.52 30.00 20.40
N ARG A 221 19.74 30.02 21.72
CA ARG A 221 19.05 29.11 22.65
C ARG A 221 17.51 29.30 22.63
N VAL A 222 17.08 30.54 22.50
CA VAL A 222 15.66 30.92 22.44
C VAL A 222 14.99 30.36 21.19
N MET A 223 15.69 30.45 20.06
CA MET A 223 15.20 29.96 18.78
C MET A 223 15.05 28.44 18.76
N LEU A 224 15.91 27.74 19.50
CA LEU A 224 15.84 26.28 19.59
C LEU A 224 14.64 25.84 20.44
N MET A 225 14.34 26.57 21.52
CA MET A 225 13.18 26.25 22.37
C MET A 225 11.86 26.57 21.65
N ARG A 226 11.89 27.57 20.77
CA ARG A 226 10.72 27.92 19.96
C ARG A 226 10.42 26.89 18.87
N GLU A 227 11.47 26.42 18.19
CA GLU A 227 11.36 25.33 17.23
C GLU A 227 10.82 24.08 17.91
N HIS A 228 11.51 23.67 18.97
CA HIS A 228 11.14 22.51 19.76
C HIS A 228 9.73 22.51 20.25
N LYS A 229 9.20 23.70 20.54
CA LYS A 229 7.84 23.82 20.98
C LYS A 229 6.88 23.52 19.83
N ALA A 230 7.22 23.98 18.63
CA ALA A 230 6.42 23.67 17.43
C ALA A 230 6.46 22.17 17.10
N LEU A 231 7.64 21.57 17.21
CA LEU A 231 7.79 20.14 16.99
C LEU A 231 6.93 19.34 17.96
N LYS A 232 6.93 19.75 19.22
CA LYS A 232 6.14 19.09 20.24
C LYS A 232 4.65 19.25 19.96
N THR A 233 4.25 20.38 19.36
CA THR A 233 2.86 20.55 18.92
C THR A 233 2.49 19.51 17.89
N LEU A 234 3.35 19.35 16.90
CA LEU A 234 3.14 18.34 15.86
C LEU A 234 3.15 16.94 16.47
N GLY A 235 4.05 16.72 17.43
CA GLY A 235 4.08 15.47 18.16
C GLY A 235 2.73 15.22 18.82
N ILE A 236 2.13 16.25 19.36
CA ILE A 236 0.86 16.08 20.07
C ILE A 236 -0.29 15.74 19.13
N ILE A 237 -0.36 16.37 17.96
CA ILE A 237 -1.45 16.05 17.02
C ILE A 237 -1.30 14.60 16.52
N MET A 238 -0.06 14.16 16.34
CA MET A 238 0.22 12.78 15.94
C MET A 238 -0.19 11.77 16.99
N GLY A 239 0.18 12.04 18.25
CA GLY A 239 -0.11 11.16 19.37
C GLY A 239 -1.57 11.06 19.68
N VAL A 240 -2.27 12.20 19.63
CA VAL A 240 -3.72 12.22 19.83
C VAL A 240 -4.47 11.52 18.69
N PHE A 241 -3.96 11.64 17.45
CA PHE A 241 -4.57 10.96 16.33
C PHE A 241 -4.52 9.44 16.52
N THR A 242 -3.35 8.97 16.94
CA THR A 242 -3.17 7.56 17.22
C THR A 242 -4.06 7.09 18.36
N LEU A 243 -4.07 7.84 19.47
CA LEU A 243 -4.97 7.49 20.57
C LEU A 243 -6.42 7.45 20.10
N CYS A 244 -6.83 8.40 19.25
CA CYS A 244 -8.23 8.49 18.84
C CYS A 244 -8.66 7.39 17.86
N TRP A 245 -7.74 6.92 17.01
CA TRP A 245 -8.04 5.90 15.98
C TRP A 245 -7.50 4.51 16.19
N LEU A 246 -6.41 4.37 16.94
CA LEU A 246 -5.86 3.04 17.20
C LEU A 246 -6.88 2.09 17.81
N PRO A 247 -7.66 2.54 18.82
CA PRO A 247 -8.64 1.61 19.40
C PRO A 247 -9.60 1.04 18.35
N PHE A 248 -10.21 1.92 17.55
CA PHE A 248 -11.08 1.45 16.48
C PHE A 248 -10.42 0.38 15.62
N PHE A 249 -9.23 0.66 15.13
CA PHE A 249 -8.58 -0.23 14.20
C PHE A 249 -8.06 -1.51 14.86
N LEU A 250 -7.78 -1.47 16.17
CA LEU A 250 -7.43 -2.70 16.89
C LEU A 250 -8.68 -3.57 16.99
N VAL A 251 -9.80 -2.97 17.39
CA VAL A 251 -11.06 -3.71 17.47
C VAL A 251 -11.48 -4.26 16.11
N ASN A 252 -11.11 -3.54 15.06
CA ASN A 252 -11.42 -3.98 13.70
C ASN A 252 -10.72 -5.30 13.33
N ILE A 253 -9.50 -5.45 13.77
CA ILE A 253 -8.72 -6.68 13.56
C ILE A 253 -9.21 -7.79 14.51
N VAL A 254 -9.38 -7.46 15.79
CA VAL A 254 -9.87 -8.43 16.78
C VAL A 254 -11.18 -9.05 16.31
N ASN A 255 -12.04 -8.26 15.67
CA ASN A 255 -13.31 -8.81 15.16
C ASN A 255 -13.15 -9.88 14.10
N VAL A 256 -12.14 -9.76 13.25
CA VAL A 256 -11.89 -10.77 12.23
C VAL A 256 -11.76 -12.14 12.91
N PHE A 257 -11.06 -12.18 14.04
CA PHE A 257 -10.71 -13.42 14.73
C PHE A 257 -11.75 -13.88 15.76
N ASN A 258 -12.51 -12.94 16.31
CA ASN A 258 -13.51 -13.29 17.32
C ASN A 258 -14.54 -12.17 17.52
N ARG A 259 -15.73 -12.34 16.93
CA ARG A 259 -16.77 -11.29 17.00
C ARG A 259 -17.17 -10.96 18.45
N ASP A 260 -16.82 -11.81 19.42
CA ASP A 260 -17.38 -11.76 20.77
C ASP A 260 -16.45 -11.26 21.88
N LEU A 261 -15.24 -10.84 21.53
CA LEU A 261 -14.26 -10.40 22.53
C LEU A 261 -14.39 -8.93 22.94
N VAL A 262 -15.06 -8.11 22.12
CA VAL A 262 -15.27 -6.71 22.40
C VAL A 262 -16.73 -6.43 22.07
N PRO A 263 -17.48 -5.80 22.98
CA PRO A 263 -18.92 -5.57 22.73
C PRO A 263 -19.19 -4.52 21.65
N ASP A 264 -20.28 -4.68 20.91
CA ASP A 264 -20.58 -3.79 19.81
C ASP A 264 -20.44 -2.33 20.25
N TRP A 265 -20.85 -2.05 21.49
CA TRP A 265 -21.02 -0.67 21.92
C TRP A 265 -19.72 0.08 22.01
N LEU A 266 -18.67 -0.62 22.41
CA LEU A 266 -17.34 -0.04 22.49
C LEU A 266 -16.71 0.07 21.10
N PHE A 267 -17.15 -0.77 20.16
CA PHE A 267 -16.77 -0.63 18.76
C PHE A 267 -17.39 0.65 18.20
N VAL A 268 -18.67 0.91 18.47
CA VAL A 268 -19.30 2.17 18.04
C VAL A 268 -18.69 3.38 18.76
N ALA A 269 -18.30 3.19 20.01
CA ALA A 269 -17.69 4.26 20.81
C ALA A 269 -16.39 4.68 20.16
N PHE A 270 -15.51 3.72 19.95
CA PHE A 270 -14.25 3.97 19.27
C PHE A 270 -14.39 4.59 17.87
N ASN A 271 -15.51 4.34 17.19
CA ASN A 271 -15.75 4.95 15.91
C ASN A 271 -15.94 6.46 16.09
N TRP A 272 -16.73 6.83 17.09
CA TRP A 272 -17.00 8.25 17.35
C TRP A 272 -15.83 8.95 17.96
N LEU A 273 -15.06 8.23 18.77
CA LEU A 273 -13.81 8.76 19.30
C LEU A 273 -12.91 9.15 18.14
N GLY A 274 -12.95 8.33 17.09
CA GLY A 274 -12.25 8.64 15.84
C GLY A 274 -12.76 9.92 15.21
N TYR A 275 -14.06 10.04 15.01
CA TYR A 275 -14.60 11.28 14.45
C TYR A 275 -14.25 12.49 15.34
N ALA A 276 -14.29 12.29 16.65
CA ALA A 276 -14.00 13.33 17.62
C ALA A 276 -12.63 13.98 17.39
N ASN A 277 -11.69 13.21 16.86
CA ASN A 277 -10.36 13.74 16.59
C ASN A 277 -10.41 14.97 15.70
N SER A 278 -11.39 15.06 14.81
CA SER A 278 -11.46 16.15 13.83
C SER A 278 -11.70 17.51 14.43
N ALA A 279 -12.17 17.53 15.68
CA ALA A 279 -12.37 18.78 16.44
C ALA A 279 -11.17 19.16 17.31
N MET A 280 -10.17 18.30 17.39
CA MET A 280 -9.10 18.47 18.36
C MET A 280 -7.94 19.36 17.90
N ASN A 281 -7.50 19.25 16.65
CA ASN A 281 -6.29 19.99 16.20
C ASN A 281 -6.40 21.51 16.35
N PRO A 282 -7.55 22.10 15.98
CA PRO A 282 -7.65 23.54 16.17
C PRO A 282 -7.35 23.95 17.60
N ILE A 283 -7.82 23.17 18.57
CA ILE A 283 -7.57 23.46 19.99
C ILE A 283 -6.09 23.28 20.31
N ILE A 284 -5.46 22.23 19.80
CA ILE A 284 -4.08 21.96 20.10
C ILE A 284 -3.18 23.06 19.52
N TYR A 285 -3.56 23.62 18.36
CA TYR A 285 -2.79 24.68 17.72
C TYR A 285 -2.80 25.99 18.50
N CYS A 286 -3.68 26.10 19.50
CA CYS A 286 -3.67 27.25 20.39
C CYS A 286 -2.42 27.25 21.27
N ARG A 287 -1.64 26.19 21.26
CA ARG A 287 -0.32 26.20 21.88
C ARG A 287 0.61 27.22 21.23
N SER A 288 0.30 27.61 20.00
CA SER A 288 1.12 28.55 19.26
C SER A 288 0.58 29.97 19.45
N PRO A 289 1.46 30.91 19.88
CA PRO A 289 1.11 32.33 19.94
C PRO A 289 0.55 32.85 18.62
N ASP A 290 1.24 32.55 17.53
CA ASP A 290 0.84 32.98 16.19
C ASP A 290 -0.57 32.54 15.78
N PHE A 291 -0.91 31.28 16.07
CA PHE A 291 -2.26 30.76 15.77
C PHE A 291 -3.29 31.45 16.64
N ARG A 292 -2.98 31.53 17.93
CA ARG A 292 -3.84 32.16 18.94
C ARG A 292 -4.20 33.59 18.51
N LYS A 293 -3.18 34.40 18.19
CA LYS A 293 -3.37 35.77 17.68
C LYS A 293 -4.22 35.85 16.41
N ALA A 294 -3.99 34.92 15.48
CA ALA A 294 -4.78 34.83 14.24
C ALA A 294 -6.23 34.47 14.50
N PHE A 295 -6.46 33.59 15.49
CA PHE A 295 -7.81 33.18 15.88
C PHE A 295 -8.58 34.34 16.53
N LYS A 296 -7.91 35.07 17.42
CA LYS A 296 -8.51 36.22 18.08
C LYS A 296 -8.86 37.34 17.09
N ARG A 297 -7.93 37.63 16.18
CA ARG A 297 -8.18 38.60 15.12
C ARG A 297 -9.35 38.20 14.20
N LEU A 298 -9.43 36.94 13.84
CA LEU A 298 -10.46 36.48 12.89
C LEU A 298 -11.86 36.49 13.49
N LEU A 299 -11.97 36.05 14.74
CA LEU A 299 -13.25 36.07 15.45
C LEU A 299 -13.74 37.51 15.72
N ALA A 300 -12.83 38.48 15.68
CA ALA A 300 -13.17 39.91 15.72
C ALA A 300 -14.38 40.22 16.60
N GLY B 2 24.82 -1.90 -46.22
CA GLY B 2 25.61 -1.34 -45.09
C GLY B 2 24.80 -1.38 -43.81
N ALA B 3 24.21 -0.25 -43.44
CA ALA B 3 23.26 -0.20 -42.32
C ALA B 3 22.13 -1.22 -42.53
N GLU B 4 21.65 -1.35 -43.77
CA GLU B 4 20.55 -2.25 -44.09
C GLU B 4 20.84 -3.68 -43.67
N LEU B 5 22.07 -4.14 -43.90
CA LEU B 5 22.50 -5.47 -43.48
C LEU B 5 22.70 -5.55 -41.95
N LEU B 6 23.18 -4.46 -41.35
CA LEU B 6 23.42 -4.39 -39.90
C LEU B 6 22.09 -4.46 -39.12
N SER B 7 21.04 -3.87 -39.68
CA SER B 7 19.75 -3.89 -39.02
C SER B 7 19.01 -5.21 -39.29
N GLN B 8 19.28 -5.83 -40.44
CA GLN B 8 18.74 -7.16 -40.72
C GLN B 8 19.40 -8.21 -39.82
N GLN B 9 20.67 -8.00 -39.53
CA GLN B 9 21.38 -8.92 -38.65
C GLN B 9 20.80 -8.81 -37.25
N TRP B 10 20.60 -7.58 -36.81
CA TRP B 10 20.09 -7.34 -35.48
C TRP B 10 18.65 -7.76 -35.34
N GLU B 11 17.82 -7.43 -36.33
CA GLU B 11 16.41 -7.79 -36.24
C GLU B 11 16.18 -9.28 -36.09
N ALA B 12 16.69 -10.08 -37.02
CA ALA B 12 16.44 -11.52 -37.02
C ALA B 12 17.11 -12.17 -35.81
N GLY B 13 18.28 -11.67 -35.45
CA GLY B 13 19.03 -12.25 -34.35
C GLY B 13 18.31 -12.06 -33.04
N MET B 14 17.90 -10.82 -32.79
CA MET B 14 17.24 -10.49 -31.53
C MET B 14 15.89 -11.18 -31.45
N SER B 15 15.15 -11.23 -32.55
CA SER B 15 13.92 -11.99 -32.60
C SER B 15 14.12 -13.41 -32.09
N LEU B 16 15.25 -14.03 -32.44
CA LEU B 16 15.54 -15.37 -31.91
C LEU B 16 15.79 -15.31 -30.42
N LEU B 17 16.70 -14.45 -29.98
CA LEU B 17 16.99 -14.32 -28.55
C LEU B 17 15.69 -14.10 -27.77
N MET B 18 14.85 -13.21 -28.28
CA MET B 18 13.57 -12.91 -27.63
C MET B 18 12.63 -14.10 -27.67
N ALA B 19 12.59 -14.84 -28.77
CA ALA B 19 11.79 -16.08 -28.83
C ALA B 19 12.26 -17.09 -27.78
N LEU B 20 13.58 -17.22 -27.61
CA LEU B 20 14.14 -18.14 -26.64
C LEU B 20 13.73 -17.71 -25.21
N VAL B 21 13.85 -16.41 -24.91
CA VAL B 21 13.41 -15.91 -23.62
C VAL B 21 11.95 -16.25 -23.39
N VAL B 22 11.10 -15.94 -24.37
CA VAL B 22 9.67 -16.18 -24.25
C VAL B 22 9.37 -17.65 -24.02
N LEU B 23 10.05 -18.49 -24.78
CA LEU B 23 9.87 -19.93 -24.69
C LEU B 23 10.26 -20.44 -23.32
N LEU B 24 11.36 -19.91 -22.79
CA LEU B 24 11.92 -20.35 -21.52
C LEU B 24 10.97 -19.96 -20.38
N ILE B 25 10.48 -18.72 -20.42
CA ILE B 25 9.54 -18.25 -19.40
C ILE B 25 8.27 -19.06 -19.46
N VAL B 26 7.72 -19.24 -20.65
CA VAL B 26 6.41 -19.90 -20.78
C VAL B 26 6.47 -21.42 -20.53
N ALA B 27 7.44 -22.10 -21.12
CA ALA B 27 7.61 -23.53 -20.87
C ALA B 27 7.85 -23.79 -19.37
N GLY B 28 8.80 -23.05 -18.80
CA GLY B 28 9.19 -23.24 -17.40
C GLY B 28 8.07 -23.08 -16.39
N ASN B 29 7.24 -22.08 -16.60
CA ASN B 29 6.19 -21.73 -15.64
C ASN B 29 4.95 -22.60 -15.85
N VAL B 30 4.60 -22.90 -17.10
CA VAL B 30 3.54 -23.89 -17.41
C VAL B 30 3.89 -25.23 -16.74
N LEU B 31 5.17 -25.61 -16.78
CA LEU B 31 5.64 -26.80 -16.06
C LEU B 31 5.37 -26.68 -14.57
N VAL B 32 5.68 -25.54 -13.97
CA VAL B 32 5.48 -25.35 -12.53
C VAL B 32 3.99 -25.45 -12.18
N ILE B 33 3.14 -24.96 -13.07
CA ILE B 33 1.68 -25.02 -12.84
C ILE B 33 1.16 -26.45 -13.07
N ALA B 34 1.57 -27.10 -14.16
CA ALA B 34 1.15 -28.47 -14.44
C ALA B 34 1.69 -29.46 -13.38
N ALA B 35 2.90 -29.21 -12.89
CA ALA B 35 3.51 -30.05 -11.84
C ALA B 35 2.67 -30.04 -10.58
N ILE B 36 2.39 -28.85 -10.09
CA ILE B 36 1.58 -28.68 -8.88
C ILE B 36 0.16 -29.18 -9.06
N GLY B 37 -0.40 -28.97 -10.26
CA GLY B 37 -1.80 -29.31 -10.54
C GLY B 37 -2.07 -30.79 -10.74
N SER B 38 -1.01 -31.58 -10.88
CA SER B 38 -1.13 -33.00 -11.20
C SER B 38 -0.37 -33.91 -10.26
N THR B 39 0.13 -33.38 -9.16
CA THR B 39 0.92 -34.17 -8.21
C THR B 39 0.37 -34.03 -6.79
N GLN B 40 -0.28 -35.11 -6.32
CA GLN B 40 -0.98 -35.14 -5.02
C GLN B 40 -0.05 -34.93 -3.81
N ARG B 41 1.25 -34.82 -4.07
CA ARG B 41 2.24 -34.44 -3.07
C ARG B 41 2.75 -32.99 -3.14
N LEU B 42 2.58 -32.31 -4.28
CA LEU B 42 2.96 -30.90 -4.41
C LEU B 42 1.81 -29.96 -4.12
N GLN B 43 0.63 -30.50 -3.81
CA GLN B 43 -0.55 -29.69 -3.57
C GLN B 43 -0.63 -29.25 -2.10
N THR B 44 0.45 -28.61 -1.63
CA THR B 44 0.44 -27.90 -0.36
C THR B 44 -0.12 -26.48 -0.53
N LEU B 45 -0.59 -25.89 0.57
CA LEU B 45 -1.07 -24.51 0.55
C LEU B 45 0.04 -23.56 0.09
N THR B 46 1.26 -23.76 0.57
CA THR B 46 2.39 -22.93 0.15
C THR B 46 2.52 -22.89 -1.36
N ASN B 47 2.29 -24.04 -2.00
CA ASN B 47 2.39 -24.12 -3.45
C ASN B 47 1.23 -23.48 -4.22
N LEU B 48 0.14 -23.20 -3.53
CA LEU B 48 -0.91 -22.40 -4.15
C LEU B 48 -0.35 -21.01 -4.40
N PHE B 49 0.44 -20.52 -3.44
CA PHE B 49 1.10 -19.22 -3.59
C PHE B 49 2.17 -19.26 -4.69
N ILE B 50 2.86 -20.39 -4.82
CA ILE B 50 3.83 -20.58 -5.89
C ILE B 50 3.13 -20.52 -7.24
N THR B 51 1.94 -21.10 -7.34
CA THR B 51 1.18 -21.10 -8.58
C THR B 51 0.79 -19.69 -9.00
N SER B 52 0.48 -18.87 -7.99
CA SER B 52 0.09 -17.47 -8.19
C SER B 52 1.29 -16.73 -8.77
N LEU B 53 2.44 -16.96 -8.17
CA LEU B 53 3.72 -16.43 -8.61
C LEU B 53 4.07 -16.87 -10.04
N ALA B 54 3.72 -18.10 -10.39
CA ALA B 54 3.94 -18.62 -11.75
C ALA B 54 3.02 -17.94 -12.75
N CYS B 55 1.79 -17.64 -12.33
CA CYS B 55 0.87 -16.91 -13.19
C CYS B 55 1.33 -15.47 -13.48
N ALA B 56 1.98 -14.86 -12.51
CA ALA B 56 2.55 -13.53 -12.71
C ALA B 56 3.66 -13.63 -13.75
N ASP B 57 4.50 -14.65 -13.62
CA ASP B 57 5.59 -14.84 -14.58
C ASP B 57 5.08 -15.28 -15.95
N LEU B 58 4.02 -16.07 -15.95
CA LEU B 58 3.40 -16.52 -17.19
C LEU B 58 2.80 -15.35 -17.98
N VAL B 59 2.20 -14.40 -17.27
CA VAL B 59 1.70 -13.18 -17.91
C VAL B 59 2.87 -12.35 -18.47
N VAL B 60 4.02 -12.36 -17.80
CA VAL B 60 5.19 -11.66 -18.32
C VAL B 60 5.66 -12.27 -19.63
N GLY B 61 5.65 -13.61 -19.68
CA GLY B 61 6.06 -14.36 -20.89
C GLY B 61 5.06 -14.23 -22.05
N LEU B 62 3.77 -14.26 -21.73
CA LEU B 62 2.76 -14.25 -22.76
C LEU B 62 2.42 -12.85 -23.27
N LEU B 63 2.62 -11.82 -22.45
CA LEU B 63 2.19 -10.48 -22.85
C LEU B 63 3.25 -9.42 -22.67
N VAL B 64 3.85 -9.35 -21.49
CA VAL B 64 4.77 -8.26 -21.21
C VAL B 64 5.97 -8.31 -22.13
N VAL B 65 6.65 -9.46 -22.18
CA VAL B 65 7.93 -9.59 -22.92
C VAL B 65 7.78 -9.60 -24.44
N PRO B 66 6.79 -10.32 -25.00
CA PRO B 66 6.55 -10.23 -26.42
C PRO B 66 6.38 -8.80 -26.90
N PHE B 67 5.51 -8.04 -26.25
CA PHE B 67 5.31 -6.65 -26.62
C PHE B 67 6.63 -5.86 -26.49
N GLY B 68 7.34 -6.06 -25.39
CA GLY B 68 8.61 -5.38 -25.18
C GLY B 68 9.68 -5.81 -26.14
N ALA B 69 9.58 -7.04 -26.65
CA ALA B 69 10.50 -7.50 -27.68
C ALA B 69 10.25 -6.73 -28.96
N THR B 70 9.00 -6.71 -29.41
CA THR B 70 8.67 -5.96 -30.63
C THR B 70 9.25 -4.55 -30.57
N LEU B 71 9.33 -3.98 -29.37
CA LEU B 71 9.88 -2.63 -29.21
C LEU B 71 11.38 -2.62 -29.33
N VAL B 72 12.03 -3.59 -28.69
CA VAL B 72 13.50 -3.68 -28.74
C VAL B 72 13.94 -4.02 -30.17
N VAL B 73 13.34 -5.03 -30.77
CA VAL B 73 13.65 -5.44 -32.15
C VAL B 73 13.47 -4.31 -33.17
N ARG B 74 12.39 -3.53 -33.09
CA ARG B 74 12.12 -2.52 -34.13
C ARG B 74 12.45 -1.08 -33.72
N GLY B 75 12.69 -0.83 -32.45
CA GLY B 75 12.98 0.53 -31.98
C GLY B 75 11.81 1.50 -31.93
N THR B 76 10.61 1.04 -32.28
CA THR B 76 9.41 1.87 -32.13
C THR B 76 8.24 1.02 -31.63
N TRP B 77 7.28 1.69 -31.02
CA TRP B 77 6.05 1.08 -30.59
C TRP B 77 5.16 1.00 -31.81
N LEU B 78 4.61 -0.19 -32.09
CA LEU B 78 3.78 -0.40 -33.29
C LEU B 78 2.30 -0.67 -33.01
N TRP B 79 1.88 -0.66 -31.74
CA TRP B 79 0.59 -1.21 -31.35
C TRP B 79 -0.45 -0.21 -30.89
N GLY B 80 -0.16 1.08 -31.05
CA GLY B 80 -1.13 2.11 -30.70
C GLY B 80 -1.08 2.49 -29.23
N SER B 81 -1.65 3.65 -28.90
CA SER B 81 -1.51 4.22 -27.56
C SER B 81 -2.27 3.46 -26.46
N PHE B 82 -3.43 2.88 -26.77
CA PHE B 82 -4.17 2.11 -25.77
C PHE B 82 -3.34 0.90 -25.31
N LEU B 83 -2.93 0.08 -26.26
CA LEU B 83 -2.14 -1.11 -25.95
C LEU B 83 -0.82 -0.73 -25.28
N CYS B 84 -0.28 0.44 -25.60
CA CYS B 84 0.94 0.90 -24.93
C CYS B 84 0.71 1.07 -23.44
N GLU B 85 -0.44 1.63 -23.09
CA GLU B 85 -0.84 1.82 -21.70
C GLU B 85 -1.27 0.51 -21.05
N LEU B 86 -2.07 -0.30 -21.73
CA LEU B 86 -2.43 -1.62 -21.18
C LEU B 86 -1.18 -2.43 -20.83
N TRP B 87 -0.22 -2.43 -21.76
CA TRP B 87 1.04 -3.16 -21.61
C TRP B 87 1.85 -2.67 -20.44
N THR B 88 2.00 -1.36 -20.29
CA THR B 88 2.68 -0.80 -19.10
C THR B 88 1.96 -1.24 -17.84
N SER B 89 0.64 -1.13 -17.84
CA SER B 89 -0.20 -1.56 -16.73
C SER B 89 0.10 -2.99 -16.32
N LEU B 90 0.15 -3.89 -17.30
CA LEU B 90 0.38 -5.30 -17.04
C LEU B 90 1.79 -5.53 -16.51
N ASP B 91 2.69 -4.68 -16.93
CA ASP B 91 4.06 -4.71 -16.46
C ASP B 91 4.11 -4.37 -14.97
N VAL B 92 3.53 -3.23 -14.60
CA VAL B 92 3.47 -2.84 -13.22
C VAL B 92 2.69 -3.87 -12.39
N LEU B 93 1.58 -4.38 -12.92
CA LEU B 93 0.76 -5.37 -12.20
C LEU B 93 1.61 -6.56 -11.78
N CYS B 94 2.39 -7.07 -12.72
CA CYS B 94 3.10 -8.33 -12.53
C CYS B 94 4.22 -8.24 -11.51
N VAL B 95 4.95 -7.11 -11.51
CA VAL B 95 5.98 -6.92 -10.49
C VAL B 95 5.31 -6.77 -9.13
N THR B 96 4.26 -5.98 -9.07
CA THR B 96 3.52 -5.77 -7.83
C THR B 96 2.95 -7.07 -7.27
N ALA B 97 2.18 -7.82 -8.08
CA ALA B 97 1.63 -9.12 -7.64
C ALA B 97 2.71 -10.11 -7.17
N SER B 98 3.83 -10.12 -7.90
CA SER B 98 4.98 -10.96 -7.56
C SER B 98 5.52 -10.69 -6.17
N ILE B 99 5.95 -9.45 -5.91
CA ILE B 99 6.56 -9.09 -4.62
C ILE B 99 5.53 -9.22 -3.48
N GLU B 100 4.29 -8.88 -3.75
CA GLU B 100 3.24 -9.09 -2.76
C GLU B 100 3.01 -10.56 -2.44
N THR B 101 3.00 -11.41 -3.48
CA THR B 101 2.94 -12.85 -3.27
C THR B 101 4.15 -13.35 -2.46
N LEU B 102 5.32 -12.77 -2.70
CA LEU B 102 6.54 -13.22 -2.01
C LEU B 102 6.46 -12.92 -0.52
N CYS B 103 5.85 -11.80 -0.14
CA CYS B 103 5.61 -11.52 1.29
C CYS B 103 4.68 -12.53 1.88
N VAL B 104 3.61 -12.81 1.14
CA VAL B 104 2.60 -13.73 1.63
C VAL B 104 3.21 -15.08 1.92
N ILE B 105 4.11 -15.51 1.04
CA ILE B 105 4.88 -16.74 1.25
C ILE B 105 5.78 -16.60 2.49
N ALA B 106 6.49 -15.49 2.61
CA ALA B 106 7.34 -15.31 3.79
C ALA B 106 6.48 -15.39 5.07
N ILE B 107 5.30 -14.76 5.03
CA ILE B 107 4.44 -14.71 6.21
C ILE B 107 3.87 -16.09 6.51
N ASP B 108 3.49 -16.80 5.45
CA ASP B 108 2.94 -18.15 5.53
C ASP B 108 3.91 -19.07 6.27
N ARG B 109 5.18 -18.99 5.90
CA ARG B 109 6.21 -19.80 6.52
C ARG B 109 6.46 -19.37 7.96
N TYR B 110 6.50 -18.08 8.20
CA TYR B 110 6.76 -17.59 9.55
C TYR B 110 5.72 -18.18 10.49
N LEU B 111 4.45 -18.10 10.09
CA LEU B 111 3.35 -18.66 10.89
C LEU B 111 3.46 -20.18 11.03
N ALA B 112 3.77 -20.84 9.93
CA ALA B 112 3.96 -22.28 9.93
C ALA B 112 5.07 -22.67 10.91
N ILE B 113 6.16 -21.91 10.97
CA ILE B 113 7.31 -22.30 11.78
C ILE B 113 7.13 -21.97 13.26
N THR B 114 6.45 -20.87 13.57
CA THR B 114 6.37 -20.38 14.95
C THR B 114 5.13 -20.89 15.67
N SER B 115 4.09 -21.19 14.91
CA SER B 115 2.88 -21.75 15.49
C SER B 115 2.23 -22.80 14.60
N PRO B 116 2.86 -23.98 14.50
CA PRO B 116 2.44 -25.03 13.54
C PRO B 116 0.97 -25.43 13.65
N PHE B 117 0.40 -25.35 14.85
CA PHE B 117 -0.96 -25.85 15.11
C PHE B 117 -2.02 -24.80 14.89
N ARG B 118 -1.74 -23.58 15.34
CA ARG B 118 -2.59 -22.45 14.97
C ARG B 118 -2.59 -22.32 13.46
N TYR B 119 -1.43 -22.52 12.83
CA TYR B 119 -1.32 -22.53 11.38
C TYR B 119 -2.18 -23.63 10.76
N GLN B 120 -2.10 -24.83 11.31
CA GLN B 120 -2.92 -25.96 10.82
C GLN B 120 -4.41 -25.64 10.75
N SER B 121 -4.94 -25.05 11.81
CA SER B 121 -6.37 -24.80 11.89
C SER B 121 -6.74 -23.52 11.16
N LEU B 122 -6.02 -22.43 11.43
CA LEU B 122 -6.29 -21.15 10.76
C LEU B 122 -6.27 -21.30 9.24
N MET B 123 -5.23 -21.94 8.71
CA MET B 123 -4.91 -21.84 7.29
C MET B 123 -5.46 -23.00 6.46
N THR B 124 -6.49 -22.71 5.66
CA THR B 124 -7.13 -23.71 4.81
C THR B 124 -6.98 -23.32 3.33
N ARG B 125 -7.51 -24.16 2.45
CA ARG B 125 -7.46 -23.89 1.02
C ARG B 125 -8.32 -22.70 0.63
N ALA B 126 -9.53 -22.63 1.16
CA ALA B 126 -10.43 -21.51 0.89
C ALA B 126 -9.77 -20.17 1.23
N ARG B 127 -9.08 -20.11 2.37
CA ARG B 127 -8.43 -18.88 2.80
C ARG B 127 -7.17 -18.59 1.96
N ALA B 128 -6.42 -19.63 1.60
CA ALA B 128 -5.31 -19.46 0.67
C ALA B 128 -5.77 -18.81 -0.66
N LYS B 129 -6.93 -19.22 -1.17
CA LYS B 129 -7.51 -18.58 -2.37
C LYS B 129 -7.93 -17.13 -2.18
N VAL B 130 -8.51 -16.84 -1.01
CA VAL B 130 -8.91 -15.46 -0.69
C VAL B 130 -7.68 -14.57 -0.56
N ILE B 131 -6.62 -15.11 0.04
CA ILE B 131 -5.35 -14.39 0.14
C ILE B 131 -4.78 -14.07 -1.25
N ILE B 132 -4.78 -15.08 -2.11
CA ILE B 132 -4.30 -14.90 -3.47
C ILE B 132 -5.13 -13.85 -4.23
N CYS B 133 -6.46 -13.92 -4.13
CA CYS B 133 -7.31 -12.94 -4.83
C CYS B 133 -7.13 -11.53 -4.33
N THR B 134 -6.98 -11.39 -3.01
CA THR B 134 -6.71 -10.10 -2.38
C THR B 134 -5.40 -9.46 -2.90
N VAL B 135 -4.31 -10.23 -2.93
CA VAL B 135 -3.04 -9.76 -3.50
C VAL B 135 -3.22 -9.25 -4.92
N TRP B 136 -3.95 -9.98 -5.75
CA TRP B 136 -4.17 -9.51 -7.12
C TRP B 136 -5.07 -8.30 -7.21
N ALA B 137 -6.03 -8.21 -6.28
CA ALA B 137 -6.92 -7.06 -6.18
C ALA B 137 -6.11 -5.81 -5.88
N ILE B 138 -5.30 -5.90 -4.82
CA ILE B 138 -4.45 -4.78 -4.40
C ILE B 138 -3.46 -4.40 -5.51
N SER B 139 -2.88 -5.40 -6.15
CA SER B 139 -1.96 -5.15 -7.23
C SER B 139 -2.64 -4.47 -8.42
N ALA B 140 -3.82 -4.95 -8.79
CA ALA B 140 -4.59 -4.36 -9.88
C ALA B 140 -4.95 -2.93 -9.55
N LEU B 141 -5.34 -2.73 -8.30
CA LEU B 141 -5.72 -1.41 -7.79
C LEU B 141 -4.60 -0.39 -7.93
N VAL B 142 -3.40 -0.75 -7.49
CA VAL B 142 -2.27 0.16 -7.48
C VAL B 142 -1.53 0.23 -8.82
N SER B 143 -1.97 -0.57 -9.79
CA SER B 143 -1.34 -0.63 -11.09
C SER B 143 -2.15 0.05 -12.17
N PHE B 144 -3.36 -0.46 -12.42
CA PHE B 144 -4.20 -0.01 -13.53
C PHE B 144 -4.70 1.41 -13.34
N LEU B 145 -5.28 1.73 -12.19
CA LEU B 145 -6.01 2.98 -12.09
C LEU B 145 -5.10 4.21 -12.27
N PRO B 146 -3.93 4.22 -11.61
CA PRO B 146 -3.09 5.39 -11.82
C PRO B 146 -2.56 5.51 -13.23
N ILE B 147 -2.43 4.40 -13.94
CA ILE B 147 -1.88 4.47 -15.29
C ILE B 147 -2.93 4.94 -16.28
N MET B 148 -4.13 4.42 -16.14
CA MET B 148 -5.24 4.78 -17.01
C MET B 148 -5.79 6.20 -16.72
N MET B 149 -5.71 6.66 -15.46
CA MET B 149 -5.99 8.06 -15.11
C MET B 149 -4.84 9.04 -15.43
N HIS B 150 -3.77 8.59 -16.06
CA HIS B 150 -2.65 9.48 -16.40
C HIS B 150 -2.00 10.21 -15.24
N TRP B 151 -2.04 9.64 -14.04
CA TRP B 151 -1.34 10.22 -12.89
C TRP B 151 0.16 10.15 -12.99
N TRP B 152 0.66 9.40 -13.94
CA TRP B 152 2.08 9.23 -14.15
C TRP B 152 2.69 10.22 -15.10
N ARG B 153 1.89 11.04 -15.76
CA ARG B 153 2.41 11.91 -16.83
C ARG B 153 3.14 13.13 -16.33
N ASP B 154 4.22 13.51 -17.01
CA ASP B 154 4.94 14.76 -16.71
C ASP B 154 4.69 15.85 -17.77
N GLU B 155 4.93 17.10 -17.37
CA GLU B 155 4.81 18.26 -18.26
C GLU B 155 6.17 18.74 -18.81
N ASP B 156 7.20 17.93 -18.64
CA ASP B 156 8.47 18.12 -19.32
C ASP B 156 8.23 18.14 -20.83
N PRO B 157 9.01 18.95 -21.58
CA PRO B 157 8.99 18.86 -23.06
C PRO B 157 9.34 17.50 -23.67
N GLN B 158 10.38 16.82 -23.17
CA GLN B 158 10.70 15.45 -23.62
C GLN B 158 9.53 14.49 -23.41
N ALA B 159 8.86 14.61 -22.26
CA ALA B 159 7.71 13.77 -21.94
C ALA B 159 6.55 14.04 -22.89
N LEU B 160 6.30 15.32 -23.19
CA LEU B 160 5.20 15.68 -24.09
C LEU B 160 5.43 15.21 -25.53
N LYS B 161 6.67 15.32 -26.02
CA LYS B 161 7.01 14.76 -27.33
C LYS B 161 6.60 13.29 -27.41
N CYS B 162 7.03 12.50 -26.43
CA CYS B 162 6.76 11.07 -26.40
C CYS B 162 5.27 10.75 -26.34
N TYR B 163 4.50 11.54 -25.58
CA TYR B 163 3.07 11.27 -25.44
C TYR B 163 2.37 11.49 -26.76
N GLN B 164 2.81 12.52 -27.49
CA GLN B 164 2.30 12.83 -28.84
C GLN B 164 2.73 11.85 -29.93
N ASP B 165 3.80 11.09 -29.70
CA ASP B 165 4.33 10.20 -30.72
C ASP B 165 3.74 8.80 -30.51
N PRO B 166 2.90 8.31 -31.45
CA PRO B 166 2.34 6.96 -31.30
C PRO B 166 3.39 5.86 -31.28
N GLY B 167 4.57 6.15 -31.85
CA GLY B 167 5.68 5.21 -31.86
C GLY B 167 6.48 5.19 -30.56
N CYS B 168 6.26 6.16 -29.68
CA CYS B 168 6.96 6.19 -28.40
C CYS B 168 6.11 5.58 -27.30
N CYS B 169 6.56 4.47 -26.75
CA CYS B 169 5.95 3.90 -25.56
C CYS B 169 7.02 3.78 -24.49
N ASP B 170 7.67 4.92 -24.23
CA ASP B 170 8.54 5.09 -23.08
C ASP B 170 7.70 5.46 -21.88
N PHE B 171 7.88 4.70 -20.80
CA PHE B 171 7.18 4.99 -19.57
C PHE B 171 7.96 6.11 -18.89
N VAL B 172 7.74 7.32 -19.40
CA VAL B 172 8.35 8.54 -18.87
C VAL B 172 7.35 9.18 -17.92
N THR B 173 7.68 9.20 -16.63
CA THR B 173 6.71 9.57 -15.62
C THR B 173 7.17 10.80 -14.88
N ASN B 174 6.25 11.52 -14.27
CA ASN B 174 6.60 12.56 -13.33
C ASN B 174 7.23 11.96 -12.06
N ARG B 175 7.94 12.79 -11.32
CA ARG B 175 8.67 12.39 -10.12
C ARG B 175 7.80 11.87 -9.00
N ALA B 176 6.63 12.47 -8.79
CA ALA B 176 5.73 12.02 -7.72
C ALA B 176 5.33 10.55 -7.91
N TYR B 177 4.96 10.21 -9.15
CA TYR B 177 4.50 8.88 -9.48
C TYR B 177 5.67 7.93 -9.39
N ALA B 178 6.83 8.36 -9.84
CA ALA B 178 8.04 7.53 -9.78
C ALA B 178 8.28 7.06 -8.34
N ILE B 179 8.27 8.03 -7.40
CA ILE B 179 8.54 7.75 -6.01
C ILE B 179 7.37 6.96 -5.38
N ALA B 180 6.15 7.41 -5.63
CA ALA B 180 4.96 6.83 -4.98
C ALA B 180 4.71 5.40 -5.41
N SER B 181 4.75 5.18 -6.71
CA SER B 181 4.53 3.87 -7.27
C SER B 181 5.63 2.90 -6.91
N SER B 182 6.86 3.39 -6.82
CA SER B 182 7.98 2.53 -6.44
C SER B 182 7.84 2.09 -4.98
N ILE B 183 7.53 3.05 -4.10
CA ILE B 183 7.35 2.74 -2.69
C ILE B 183 6.16 1.80 -2.47
N ILE B 184 5.05 2.08 -3.15
CA ILE B 184 3.83 1.28 -2.97
C ILE B 184 3.90 -0.09 -3.67
N SER B 185 4.45 -0.15 -4.88
CA SER B 185 4.51 -1.42 -5.60
C SER B 185 5.67 -2.28 -5.19
N PHE B 186 6.78 -1.66 -4.80
CA PHE B 186 8.01 -2.41 -4.62
C PHE B 186 8.64 -2.29 -3.22
N TYR B 187 9.10 -1.11 -2.83
CA TYR B 187 9.92 -0.97 -1.63
C TYR B 187 9.24 -1.41 -0.32
N ILE B 188 7.98 -1.06 -0.12
CA ILE B 188 7.30 -1.44 1.12
C ILE B 188 7.16 -2.98 1.21
N PRO B 189 6.57 -3.61 0.17
CA PRO B 189 6.57 -5.06 0.29
C PRO B 189 7.99 -5.68 0.32
N LEU B 190 8.99 -5.02 -0.25
CA LEU B 190 10.34 -5.55 -0.17
C LEU B 190 10.79 -5.54 1.27
N LEU B 191 10.58 -4.43 1.96
CA LEU B 191 11.01 -4.29 3.35
C LEU B 191 10.28 -5.28 4.27
N ILE B 192 8.99 -5.48 4.04
CA ILE B 192 8.21 -6.47 4.78
C ILE B 192 8.77 -7.88 4.58
N MET B 193 9.02 -8.24 3.32
CA MET B 193 9.51 -9.57 2.95
C MET B 193 10.85 -9.86 3.59
N ILE B 194 11.78 -8.89 3.52
CA ILE B 194 13.10 -9.03 4.13
C ILE B 194 13.01 -9.18 5.63
N PHE B 195 12.24 -8.30 6.26
CA PHE B 195 12.03 -8.37 7.70
C PHE B 195 11.45 -9.72 8.14
N VAL B 196 10.44 -10.21 7.43
CA VAL B 196 9.81 -11.49 7.78
C VAL B 196 10.72 -12.67 7.46
N ALA B 197 11.48 -12.56 6.39
CA ALA B 197 12.39 -13.62 5.98
C ALA B 197 13.52 -13.78 7.01
N LEU B 198 14.06 -12.67 7.50
CA LEU B 198 15.08 -12.71 8.55
C LEU B 198 14.54 -13.35 9.83
N ARG B 199 13.28 -13.07 10.15
CA ARG B 199 12.64 -13.70 11.30
C ARG B 199 12.47 -15.20 11.10
N VAL B 200 12.20 -15.62 9.86
CA VAL B 200 12.02 -17.04 9.57
C VAL B 200 13.36 -17.73 9.64
N TYR B 201 14.42 -17.01 9.26
CA TYR B 201 15.78 -17.52 9.37
C TYR B 201 16.11 -17.80 10.83
N ARG B 202 15.97 -16.77 11.67
CA ARG B 202 16.22 -16.88 13.10
C ARG B 202 15.47 -18.04 13.72
N GLU B 203 14.20 -18.22 13.38
CA GLU B 203 13.40 -19.31 13.94
C GLU B 203 13.84 -20.68 13.47
N ALA B 204 14.33 -20.75 12.24
CA ALA B 204 14.91 -21.97 11.71
C ALA B 204 16.19 -22.35 12.47
N LYS B 205 16.96 -21.34 12.88
CA LYS B 205 18.21 -21.59 13.60
C LYS B 205 17.98 -22.06 15.03
N GLU B 206 16.90 -21.61 15.66
CA GLU B 206 16.57 -22.07 17.00
C GLU B 206 16.02 -23.49 16.97
N GLN B 207 15.50 -23.92 15.82
CA GLN B 207 15.08 -25.30 15.60
C GLN B 207 16.23 -26.30 15.45
N ILE B 208 17.45 -25.84 15.23
CA ILE B 208 18.54 -26.77 14.96
C ILE B 208 19.43 -26.97 16.18
N ARG B 209 19.03 -26.38 17.31
CA ARG B 209 19.77 -26.42 18.56
C ARG B 209 20.16 -27.85 18.98
N LYS B 210 19.24 -28.79 18.78
CA LYS B 210 19.43 -30.16 19.27
C LYS B 210 19.58 -31.17 18.14
N ILE B 211 19.84 -30.71 16.92
CA ILE B 211 19.71 -31.60 15.75
C ILE B 211 20.92 -32.51 15.52
N ASP B 212 22.07 -32.14 16.07
CA ASP B 212 23.25 -33.02 16.10
C ASP B 212 23.29 -34.02 17.27
N ARG B 213 22.17 -34.23 17.93
CA ARG B 213 22.06 -35.26 18.94
C ARG B 213 21.95 -36.57 18.24
N ALA B 214 22.75 -37.55 18.63
CA ALA B 214 22.56 -38.92 18.19
C ALA B 214 21.10 -39.28 18.39
N SER B 215 20.52 -38.89 19.53
CA SER B 215 19.12 -39.20 19.86
C SER B 215 18.09 -38.74 18.82
N LYS B 216 18.50 -37.89 17.90
CA LYS B 216 17.60 -37.38 16.86
C LYS B 216 17.93 -37.81 15.42
N ARG B 217 19.18 -38.20 15.20
CA ARG B 217 19.71 -38.60 13.88
C ARG B 217 18.72 -39.25 12.91
N LYS B 218 18.07 -40.34 13.32
CA LYS B 218 17.35 -41.19 12.35
C LYS B 218 16.17 -40.48 11.66
N THR B 219 15.12 -40.12 12.40
CA THR B 219 13.91 -39.58 11.76
C THR B 219 13.82 -38.05 11.90
N SER B 220 13.87 -37.57 13.14
CA SER B 220 13.74 -36.14 13.41
C SER B 220 14.67 -35.26 12.55
N ARG B 221 15.98 -35.38 12.73
CA ARG B 221 16.96 -34.59 11.99
C ARG B 221 16.79 -34.64 10.47
N VAL B 222 16.29 -35.76 9.94
CA VAL B 222 16.11 -35.89 8.50
C VAL B 222 14.99 -34.98 8.04
N MET B 223 13.87 -35.01 8.76
CA MET B 223 12.72 -34.19 8.44
C MET B 223 13.03 -32.69 8.56
N LEU B 224 13.89 -32.34 9.51
CA LEU B 224 14.29 -30.95 9.71
C LEU B 224 15.20 -30.45 8.59
N MET B 225 16.09 -31.30 8.08
CA MET B 225 16.96 -30.91 6.96
C MET B 225 16.15 -30.81 5.64
N ARG B 226 15.11 -31.61 5.52
CA ARG B 226 14.25 -31.57 4.35
C ARG B 226 13.41 -30.32 4.31
N GLU B 227 12.84 -29.95 5.46
CA GLU B 227 12.11 -28.69 5.63
C GLU B 227 13.01 -27.50 5.33
N HIS B 228 14.13 -27.44 6.03
CA HIS B 228 15.11 -26.38 5.83
C HIS B 228 15.58 -26.23 4.43
N LYS B 229 15.64 -27.32 3.67
CA LYS B 229 16.05 -27.24 2.28
C LYS B 229 14.97 -26.53 1.47
N ALA B 230 13.71 -26.81 1.76
CA ALA B 230 12.59 -26.13 1.11
C ALA B 230 12.58 -24.63 1.46
N LEU B 231 12.80 -24.31 2.73
CA LEU B 231 12.87 -22.91 3.16
C LEU B 231 13.98 -22.16 2.42
N LYS B 232 15.13 -22.81 2.28
CA LYS B 232 16.25 -22.22 1.57
C LYS B 232 15.91 -22.01 0.10
N THR B 233 15.14 -22.93 -0.50
CA THR B 233 14.66 -22.74 -1.87
C THR B 233 13.84 -21.45 -1.99
N LEU B 234 12.88 -21.28 -1.07
CA LEU B 234 12.09 -20.07 -1.01
C LEU B 234 12.99 -18.87 -0.79
N GLY B 235 13.97 -19.02 0.10
CA GLY B 235 14.90 -17.94 0.37
C GLY B 235 15.60 -17.52 -0.90
N ILE B 236 15.94 -18.49 -1.74
CA ILE B 236 16.66 -18.22 -3.00
C ILE B 236 15.76 -17.48 -4.03
N ILE B 237 14.49 -17.88 -4.17
CA ILE B 237 13.61 -17.18 -5.12
C ILE B 237 13.39 -15.73 -4.68
N MET B 238 13.31 -15.49 -3.37
CA MET B 238 13.21 -14.13 -2.82
C MET B 238 14.46 -13.29 -3.06
N GLY B 239 15.63 -13.89 -2.85
CA GLY B 239 16.88 -13.19 -3.01
C GLY B 239 17.14 -12.85 -4.46
N VAL B 240 16.87 -13.80 -5.34
CA VAL B 240 17.08 -13.59 -6.77
C VAL B 240 16.11 -12.51 -7.29
N PHE B 241 14.86 -12.53 -6.81
CA PHE B 241 13.88 -11.53 -7.22
C PHE B 241 14.36 -10.12 -6.87
N THR B 242 14.90 -9.98 -5.66
CA THR B 242 15.48 -8.72 -5.20
C THR B 242 16.68 -8.32 -6.07
N LEU B 243 17.61 -9.23 -6.28
CA LEU B 243 18.75 -8.94 -7.14
C LEU B 243 18.29 -8.50 -8.54
N CYS B 244 17.29 -9.18 -9.06
CA CYS B 244 16.83 -8.91 -10.44
C CYS B 244 16.09 -7.57 -10.59
N TRP B 245 15.33 -7.16 -9.55
CA TRP B 245 14.55 -5.91 -9.59
C TRP B 245 15.12 -4.73 -8.85
N LEU B 246 15.83 -4.95 -7.76
CA LEU B 246 16.35 -3.81 -6.97
C LEU B 246 17.12 -2.82 -7.86
N PRO B 247 17.95 -3.30 -8.80
CA PRO B 247 18.74 -2.33 -9.55
C PRO B 247 17.85 -1.39 -10.34
N PHE B 248 16.88 -1.95 -11.04
CA PHE B 248 15.91 -1.13 -11.75
C PHE B 248 15.27 -0.08 -10.87
N PHE B 249 14.72 -0.50 -9.73
CA PHE B 249 14.04 0.42 -8.85
C PHE B 249 14.96 1.43 -8.16
N LEU B 250 16.24 1.08 -7.96
CA LEU B 250 17.20 2.04 -7.44
C LEU B 250 17.44 3.12 -8.46
N VAL B 251 17.70 2.70 -9.69
CA VAL B 251 17.92 3.63 -10.80
C VAL B 251 16.69 4.51 -11.07
N ASN B 252 15.51 3.97 -10.79
CA ASN B 252 14.26 4.73 -10.91
C ASN B 252 14.21 5.92 -9.94
N ILE B 253 14.67 5.72 -8.71
CA ILE B 253 14.72 6.79 -7.71
C ILE B 253 15.88 7.73 -8.02
N VAL B 254 17.05 7.18 -8.34
CA VAL B 254 18.19 8.03 -8.65
C VAL B 254 17.79 9.02 -9.74
N ASN B 255 16.99 8.58 -10.70
CA ASN B 255 16.59 9.43 -11.83
C ASN B 255 15.76 10.65 -11.43
N VAL B 256 14.94 10.49 -10.40
CA VAL B 256 14.17 11.60 -9.88
C VAL B 256 15.10 12.75 -9.51
N PHE B 257 16.22 12.43 -8.88
CA PHE B 257 17.16 13.42 -8.34
C PHE B 257 18.23 13.88 -9.33
N ASN B 258 18.41 13.12 -10.41
CA ASN B 258 19.36 13.48 -11.45
C ASN B 258 19.00 12.80 -12.77
N ARG B 259 18.47 13.57 -13.70
CA ARG B 259 17.98 13.02 -14.98
C ARG B 259 19.09 12.47 -15.90
N ASP B 260 20.34 12.91 -15.66
CA ASP B 260 21.49 12.57 -16.52
C ASP B 260 22.33 11.40 -16.04
N LEU B 261 22.45 11.24 -14.73
CA LEU B 261 23.41 10.29 -14.14
C LEU B 261 23.36 8.89 -14.76
N VAL B 262 22.16 8.42 -15.10
CA VAL B 262 21.93 7.06 -15.56
C VAL B 262 21.64 7.04 -17.05
N PRO B 263 22.48 6.34 -17.84
CA PRO B 263 22.24 6.37 -19.28
C PRO B 263 21.01 5.58 -19.72
N ASP B 264 20.43 6.02 -20.84
CA ASP B 264 19.23 5.45 -21.45
C ASP B 264 19.26 3.92 -21.58
N TRP B 265 20.44 3.36 -21.90
CA TRP B 265 20.59 1.91 -22.10
C TRP B 265 20.63 1.15 -20.81
N LEU B 266 21.21 1.74 -19.76
CA LEU B 266 21.34 1.03 -18.48
C LEU B 266 19.95 0.79 -17.90
N PHE B 267 19.13 1.82 -17.98
CA PHE B 267 17.74 1.70 -17.58
C PHE B 267 17.12 0.48 -18.25
N VAL B 268 17.26 0.40 -19.57
CA VAL B 268 16.68 -0.71 -20.33
C VAL B 268 17.34 -2.07 -20.03
N ALA B 269 18.62 -2.06 -19.66
CA ALA B 269 19.29 -3.31 -19.26
C ALA B 269 18.61 -3.84 -18.00
N PHE B 270 18.67 -3.02 -16.95
CA PHE B 270 18.08 -3.36 -15.68
C PHE B 270 16.60 -3.76 -15.79
N ASN B 271 15.93 -3.17 -16.73
CA ASN B 271 14.56 -3.50 -16.98
C ASN B 271 14.42 -4.93 -17.47
N TRP B 272 15.32 -5.33 -18.35
CA TRP B 272 15.32 -6.69 -18.88
C TRP B 272 15.83 -7.72 -17.90
N LEU B 273 16.77 -7.32 -17.04
CA LEU B 273 17.20 -8.17 -15.93
C LEU B 273 15.97 -8.52 -15.06
N GLY B 274 15.12 -7.52 -14.87
CA GLY B 274 13.85 -7.72 -14.19
C GLY B 274 12.96 -8.72 -14.91
N TYR B 275 12.76 -8.56 -16.21
CA TYR B 275 11.94 -9.51 -16.97
C TYR B 275 12.57 -10.91 -16.92
N ALA B 276 13.88 -10.95 -16.95
CA ALA B 276 14.62 -12.22 -16.92
C ALA B 276 14.27 -13.06 -15.72
N ASN B 277 13.94 -12.42 -14.60
CA ASN B 277 13.55 -13.14 -13.40
C ASN B 277 12.42 -14.15 -13.63
N SER B 278 11.55 -13.87 -14.60
CA SER B 278 10.36 -14.69 -14.82
C SER B 278 10.66 -16.06 -15.40
N ALA B 279 11.89 -16.24 -15.87
CA ALA B 279 12.40 -17.53 -16.33
C ALA B 279 13.19 -18.29 -15.25
N MET B 280 13.43 -17.68 -14.09
CA MET B 280 14.36 -18.24 -13.11
C MET B 280 13.76 -19.24 -12.11
N ASN B 281 12.56 -18.99 -11.61
CA ASN B 281 11.98 -19.84 -10.57
C ASN B 281 11.79 -21.30 -10.98
N PRO B 282 11.29 -21.56 -12.19
CA PRO B 282 11.22 -22.95 -12.58
C PRO B 282 12.55 -23.70 -12.45
N ILE B 283 13.64 -23.05 -12.82
CA ILE B 283 14.98 -23.66 -12.68
C ILE B 283 15.34 -23.83 -11.21
N ILE B 284 15.07 -22.83 -10.38
CA ILE B 284 15.44 -22.93 -8.97
C ILE B 284 14.65 -24.03 -8.24
N TYR B 285 13.41 -24.28 -8.69
CA TYR B 285 12.56 -25.34 -8.11
C TYR B 285 13.06 -26.75 -8.43
N CYS B 286 14.02 -26.86 -9.35
CA CYS B 286 14.67 -28.14 -9.61
C CYS B 286 15.56 -28.57 -8.43
N ARG B 287 15.75 -27.69 -7.44
CA ARG B 287 16.38 -28.10 -6.18
C ARG B 287 15.54 -29.12 -5.45
N SER B 288 14.25 -29.20 -5.78
CA SER B 288 13.35 -30.13 -5.12
C SER B 288 13.24 -31.42 -5.92
N PRO B 289 13.48 -32.57 -5.26
CA PRO B 289 13.26 -33.87 -5.90
C PRO B 289 11.86 -34.00 -6.49
N ASP B 290 10.85 -33.62 -5.70
CA ASP B 290 9.45 -33.73 -6.11
C ASP B 290 9.11 -32.95 -7.37
N PHE B 291 9.62 -31.72 -7.49
CA PHE B 291 9.43 -30.91 -8.70
C PHE B 291 10.17 -31.56 -9.88
N ARG B 292 11.42 -31.93 -9.66
CA ARG B 292 12.25 -32.57 -10.67
C ARG B 292 11.56 -33.79 -11.27
N LYS B 293 11.06 -34.68 -10.40
CA LYS B 293 10.29 -35.87 -10.83
C LYS B 293 9.02 -35.51 -11.60
N ALA B 294 8.32 -34.47 -11.17
CA ALA B 294 7.12 -34.01 -11.85
C ALA B 294 7.44 -33.44 -13.25
N PHE B 295 8.56 -32.71 -13.34
CA PHE B 295 9.02 -32.14 -14.61
C PHE B 295 9.42 -33.22 -15.61
N LYS B 296 10.15 -34.22 -15.14
CA LYS B 296 10.56 -35.35 -15.98
C LYS B 296 9.37 -36.18 -16.47
N ARG B 297 8.41 -36.45 -15.59
CA ARG B 297 7.19 -37.14 -15.97
C ARG B 297 6.35 -36.36 -16.99
N LEU B 298 6.23 -35.04 -16.82
CA LEU B 298 5.38 -34.22 -17.68
C LEU B 298 5.96 -34.06 -19.08
N LEU B 299 7.28 -33.87 -19.17
CA LEU B 299 7.96 -33.76 -20.46
C LEU B 299 7.94 -35.11 -21.23
N ALA B 300 7.72 -36.22 -20.51
CA ALA B 300 7.50 -37.53 -21.12
C ALA B 300 8.30 -37.75 -22.40
CAA Y01 C . 1.47 -0.95 0.17
CBA Y01 C . 1.19 -2.35 -0.32
CAB Y01 C . 0.00 -2.36 -1.26
CAN Y01 C . 0.96 -3.28 0.87
CAJ Y01 C . 1.79 -4.56 0.78
CAO Y01 C . 1.41 -5.55 1.89
CBB Y01 C . 0.99 -6.88 1.29
CAC Y01 C . 2.10 -7.39 0.36
CBE Y01 C . 0.62 -7.98 2.32
CAP Y01 C . 1.12 -7.73 3.77
CAQ Y01 C . 0.06 -8.44 4.65
CBG Y01 C . -0.88 -9.18 3.66
CBI Y01 C . -0.89 -8.23 2.48
CAE Y01 C . -1.65 -6.91 2.74
CAU Y01 C . -1.52 -9.01 1.34
CAS Y01 C . -2.98 -9.30 1.76
CBF Y01 C . -3.11 -10.12 3.05
CBD Y01 C . -2.28 -9.51 4.18
CAK Y01 C . -2.24 -10.46 5.38
CAI Y01 C . -3.49 -11.02 5.65
CAZ Y01 C . -4.64 -10.98 4.84
CAV Y01 C . -5.96 -11.59 5.28
CBH Y01 C . -4.59 -10.34 3.46
CAD Y01 C . -5.32 -9.01 3.48
CAT Y01 C . -5.29 -11.30 2.51
CAR Y01 C . -6.58 -11.91 3.10
CBC Y01 C . -6.22 -12.73 4.31
OAW Y01 C . -7.05 -13.82 4.88
CAY Y01 C . -8.37 -13.79 4.65
OAG Y01 C . -8.95 -12.72 4.67
CAM Y01 C . -9.16 -15.07 4.49
CAL Y01 C . -10.08 -15.21 5.71
CAX Y01 C . -11.54 -15.42 5.31
OAH Y01 C . -11.91 -14.92 4.23
OAF Y01 C . -12.24 -16.08 6.11
CAA Y01 D . -13.26 14.13 -2.42
CBA Y01 D . -13.88 15.02 -1.33
CAB Y01 D . -15.35 15.36 -1.64
CAN Y01 D . -13.05 16.30 -1.05
CAJ Y01 D . -11.71 16.43 -1.80
CAO Y01 D . -10.94 17.70 -1.34
CBB Y01 D . -9.48 17.77 -1.83
CAC Y01 D . -9.45 17.90 -3.36
CBE Y01 D . -8.71 18.90 -1.05
CAP Y01 D . -8.28 18.38 0.35
CAQ Y01 D . -6.97 19.13 0.68
CBG Y01 D . -6.92 20.20 -0.39
CBI Y01 D . -7.37 19.41 -1.62
CAE Y01 D . -6.43 18.25 -1.98
CAU Y01 D . -7.47 20.41 -2.79
CAS Y01 D . -6.16 21.18 -3.01
CBF Y01 D . -5.62 21.87 -1.73
CBD Y01 D . -5.55 20.86 -0.56
CAK Y01 D . -5.08 21.51 0.76
CAI Y01 D . -4.05 22.44 0.58
CAZ Y01 D . -3.60 22.97 -0.63
CAV Y01 D . -2.44 24.00 -0.60
CBH Y01 D . -4.25 22.57 -1.98
CAD Y01 D . -3.29 21.66 -2.75
CAT Y01 D . -4.49 23.84 -2.81
CAR Y01 D . -3.21 24.69 -2.93
CBC Y01 D . -2.74 25.20 -1.55
OAW Y01 D . -1.64 26.14 -1.68
CAY Y01 D . -2.07 27.42 -1.92
OAG Y01 D . -1.79 27.93 -3.01
CAM Y01 D . -2.87 28.24 -0.89
CAL Y01 D . -2.05 28.60 0.36
CAX Y01 D . -0.94 29.65 0.11
OAH Y01 D . 0.04 29.28 -0.58
OAF Y01 D . -1.08 30.77 0.66
C9 2CV E . 10.61 17.79 20.22
C12 2CV E . 9.74 16.52 20.25
C15 2CV E . 8.81 16.38 19.02
C18 2CV E . 8.99 15.03 18.31
C21 2CV E . 7.75 14.66 17.49
C24 2CV E . 8.03 14.65 15.97
C27 2CV E . 6.92 15.37 15.20
C30 2CV E . 7.20 15.39 13.69
C1 2CV E . 10.90 18.32 21.65
C0 2CV E . 12.21 17.78 22.25
C9 2CV F . -8.88 -4.43 -1.14
C12 2CV F . -9.53 -5.70 -0.57
C15 2CV F . -9.49 -6.89 -1.54
C18 2CV F . -10.75 -7.73 -1.37
C21 2CV F . -10.78 -8.94 -2.34
C24 2CV F . -11.12 -10.24 -1.61
C27 2CV F . -12.61 -10.34 -1.59
C30 2CV F . -13.16 -11.74 -1.28
N33 2CV F . -14.48 -11.78 -1.15
O34 2CV F . -12.43 -12.73 -1.14
C35 2CV F . -15.26 -10.55 -1.34
C36 2CV F . -15.21 -13.04 -0.89
C37 2CV F . -14.88 -13.66 0.47
C40 2CV F . -16.14 -14.31 1.06
C41 2CV F . -16.97 -13.26 1.83
O47 2CV F . -14.31 -12.70 1.39
O49 2CV F . -15.79 -15.46 1.89
C60 2CV F . -15.07 -10.00 -2.76
O63 2CV F . -16.29 -10.13 -3.47
C1 2CV F . -8.42 -3.54 0.01
C0 2CV F . -7.87 -2.19 -0.44
C9 2CV G . -8.15 13.10 -5.40
C12 2CV G . -7.23 14.28 -5.76
C15 2CV G . -6.40 13.95 -7.01
C18 2CV G . -5.43 15.06 -7.44
C21 2CV G . -4.46 14.57 -8.53
C24 2CV G . -4.23 15.62 -9.64
C27 2CV G . -3.17 16.69 -9.27
C30 2CV G . -2.69 17.49 -10.52
N33 2CV G . -2.17 18.73 -10.34
O34 2CV G . -2.80 16.97 -11.62
C35 2CV G . -2.03 19.36 -9.00
C36 2CV G . -1.73 19.52 -11.49
C1 2CV G . -9.38 13.52 -4.60
C0 2CV G . -9.65 12.61 -3.39
C9 2CV H . -6.91 -14.90 8.56
C12 2CV H . -8.34 -15.44 8.73
C15 2CV H . -8.78 -15.54 10.21
C18 2CV H . -9.92 -16.56 10.35
C21 2CV H . -10.53 -16.57 11.74
C24 2CV H . -11.62 -17.64 11.86
C27 2CV H . -12.41 -17.57 13.17
C30 2CV H . -13.64 -18.48 13.08
N33 2CV H . -13.42 -19.77 13.34
O34 2CV H . -14.74 -18.03 12.77
C1 2CV H . -6.18 -15.55 7.37
C0 2CV H . -5.65 -16.96 7.68
C11 XF5 I . -14.94 2.93 8.78
C12 XF5 I . -15.98 3.88 9.21
N13 XF5 I . -15.67 4.28 10.59
C14 XF5 I . -14.43 5.04 10.66
C15 XF5 I . -13.22 4.28 10.21
N10 XF5 I . -13.53 3.37 9.06
C3 XF5 I . -12.53 2.84 8.31
C4 XF5 I . -12.49 1.53 8.03
C5 XF5 I . -13.29 0.50 8.36
C6 XF5 I . -12.80 -0.62 7.82
N7 XF5 I . -11.68 -0.30 7.16
C8 XF5 I . -11.49 1.01 7.29
C9 XF5 I . -10.50 1.78 6.79
C1 XF5 I . -10.49 3.13 7.04
C2 XF5 I . -11.51 3.67 7.81
NA NA J . -28.13 -1.68 3.11
CAA Y01 K . 0.34 1.79 1.99
CBA Y01 K . -0.12 3.26 1.89
CAB Y01 K . -1.31 3.40 0.93
CAN Y01 K . 1.03 4.15 1.45
CAJ Y01 K . 1.66 4.92 2.61
CAO Y01 K . 2.84 5.81 2.13
CBB Y01 K . 2.63 7.29 2.47
CAC Y01 K . 2.13 7.43 3.91
CBE Y01 K . 3.85 8.20 2.25
CAP Y01 K . 5.19 7.52 2.54
CAQ Y01 K . 6.21 8.29 1.70
CBG Y01 K . 5.38 9.40 1.04
CBI Y01 K . 4.04 8.72 0.83
CAE Y01 K . 4.15 7.60 -0.22
CAU Y01 K . 3.04 9.79 0.39
CAS Y01 K . 3.50 10.48 -0.93
CBF Y01 K . 4.97 10.97 -0.91
CBD Y01 K . 5.92 9.93 -0.30
CAK Y01 K . 7.31 10.52 -0.11
CAI Y01 K . 7.71 11.27 -1.21
CAZ Y01 K . 6.93 11.70 -2.27
CAV Y01 K . 7.54 12.54 -3.41
CBH Y01 K . 5.45 11.35 -2.31
CAD Y01 K . 5.26 10.17 -3.27
CAT Y01 K . 4.71 12.58 -2.85
CAR Y01 K . 5.43 13.21 -4.06
CBC Y01 K . 6.71 13.81 -3.53
OAW Y01 K . 7.17 15.07 -4.19
CAY Y01 K . 7.38 15.16 -5.51
OAG Y01 K . 7.73 14.16 -6.12
CAM Y01 K . 7.27 16.51 -6.18
CAL Y01 K . 8.49 16.72 -7.09
CAX Y01 K . 8.13 17.19 -8.51
OAH Y01 K . 6.96 17.00 -8.91
OAF Y01 K . 9.04 17.73 -9.18
CAA Y01 L . -4.44 -9.25 -15.35
CBA Y01 L . -4.22 -10.40 -16.34
CAB Y01 L . -5.25 -10.38 -17.45
CAN Y01 L . -4.19 -11.78 -15.65
CAJ Y01 L . -5.22 -11.96 -14.53
CAO Y01 L . -5.05 -13.37 -13.94
CBB Y01 L . -5.55 -13.53 -12.51
CAC Y01 L . -7.05 -13.27 -12.43
CBE Y01 L . -5.17 -14.94 -12.08
CAP Y01 L . -3.63 -14.97 -11.86
CAQ Y01 L . -3.40 -15.74 -10.56
CBG Y01 L . -4.68 -16.56 -10.51
CBI Y01 L . -5.73 -15.47 -10.74
CAE Y01 L . -5.72 -14.38 -9.65
CAU Y01 L . -7.10 -16.14 -10.83
CAS Y01 L . -7.39 -17.12 -9.66
CBF Y01 L . -6.23 -18.10 -9.34
CBD Y01 L . -4.87 -17.38 -9.25
CAK Y01 L . -3.71 -18.35 -9.11
CAI Y01 L . -3.97 -19.40 -8.23
CAZ Y01 L . -5.20 -19.75 -7.69
CAV Y01 L . -5.28 -20.95 -6.74
CBH Y01 L . -6.48 -18.97 -8.08
CAD Y01 L . -6.88 -18.08 -6.90
CAT Y01 L . -7.59 -19.98 -8.34
CAR Y01 L . -7.69 -21.02 -7.21
CBC Y01 L . -6.42 -21.89 -7.13
OAW Y01 L . -6.53 -22.99 -6.19
CAY Y01 L . -7.32 -24.00 -6.66
OAG Y01 L . -8.44 -23.73 -7.11
CAM Y01 L . -6.84 -25.45 -6.63
CAL Y01 L . -7.15 -26.14 -5.29
CAX Y01 L . -8.65 -26.42 -5.03
OAH Y01 L . -9.44 -26.34 -6.00
OAF Y01 L . -8.97 -26.73 -3.86
C9 2CV M . 13.31 -17.69 3.58
C12 2CV M . 14.10 -18.00 4.83
C15 2CV M . 15.56 -18.35 4.51
C18 2CV M . 15.82 -19.83 4.75
C21 2CV M . 16.19 -20.11 6.20
C24 2CV M . 16.50 -21.59 6.47
C27 2CV M . 17.88 -21.99 5.93
C30 2CV M . 18.83 -22.53 7.01
N33 2CV M . 19.46 -23.68 6.72
O34 2CV M . 18.99 -21.89 8.06
C35 2CV M . 19.18 -24.37 5.43
C36 2CV M . 20.41 -24.29 7.70
C37 2CV M . 20.60 -25.81 7.51
C40 2CV M . 19.78 -26.63 8.51
O47 2CV M . 21.99 -26.17 7.63
C60 2CV M . 20.45 -24.77 4.65
O63 2CV M . 20.09 -25.66 3.59
C1 2CV M . 11.96 -17.06 3.95
C0 2CV M . 10.77 -17.94 3.57
C9 2CV N . 8.71 -26.02 5.22
C12 2CV N . 9.13 -25.17 6.44
C15 2CV N . 8.03 -25.09 7.52
C18 2CV N . 7.64 -26.46 8.11
C21 2CV N . 6.20 -26.51 8.64
C24 2CV N . 5.17 -26.58 7.49
C27 2CV N . 3.96 -27.48 7.80
C30 2CV N . 3.13 -27.03 9.03
N33 2CV N . 2.17 -27.90 9.38
O34 2CV N . 3.33 -25.98 9.62
C1 2CV N . 8.89 -25.29 3.87
C0 2CV N . 7.78 -25.67 2.86
C9 2CV O . 20.01 -15.13 -2.43
C12 2CV O . 20.10 -14.39 -1.08
C15 2CV O . 19.38 -15.17 0.03
C18 2CV O . 19.83 -16.64 0.07
C21 2CV O . 20.15 -17.13 1.47
C24 2CV O . 19.13 -18.17 1.95
C27 2CV O . 19.81 -19.46 2.43
C30 2CV O . 20.79 -19.28 3.62
N33 2CV O . 21.56 -20.34 3.88
O34 2CV O . 20.86 -18.22 4.24
C1 2CV O . 21.16 -14.79 -3.40
C0 2CV O . 21.71 -16.04 -4.09
C9 2CV P . -7.57 -8.68 -10.29
C12 2CV P . -8.07 -9.86 -9.45
C15 2CV P . -9.47 -9.56 -8.90
C18 2CV P . -9.78 -10.31 -7.60
C21 2CV P . -11.19 -9.93 -7.11
C24 2CV P . -11.57 -10.67 -5.82
C27 2CV P . -11.95 -12.13 -6.11
C30 2CV P . -13.37 -12.46 -5.59
N33 2CV P . -13.52 -13.68 -5.04
O34 2CV P . -14.27 -11.64 -5.71
C35 2CV P . -12.34 -14.56 -4.90
C36 2CV P . -14.82 -14.12 -4.47
C37 2CV P . -15.20 -15.60 -4.76
C40 2CV P . -16.62 -15.92 -4.28
C41 2CV P . -16.88 -17.44 -4.25
O47 2CV P . -14.33 -16.49 -4.07
O49 2CV P . -17.58 -15.27 -5.12
C60 2CV P . -11.60 -14.17 -3.59
O63 2CV P . -11.73 -15.20 -2.61
C1 2CV P . -6.82 -9.14 -11.55
C0 2CV P . -5.97 -8.01 -12.10
C9 2CV Q . -0.04 6.99 -7.51
C12 2CV Q . 0.45 8.41 -7.13
C15 2CV Q . 0.39 9.33 -8.36
C18 2CV Q . -0.22 10.71 -8.11
C21 2CV Q . 0.78 11.80 -8.53
C24 2CV Q . 0.14 13.19 -8.57
C27 2CV Q . 0.06 13.74 -10.00
C30 2CV Q . 0.72 15.13 -10.16
N33 2CV Q . 0.98 15.48 -11.43
O34 2CV Q . 0.94 15.87 -9.19
C35 2CV Q . 0.66 14.55 -12.56
C36 2CV Q . 1.61 16.77 -11.76
C37 2CV Q . 3.14 16.59 -11.94
C40 2CV Q . 3.93 17.26 -10.84
O47 2CV Q . 3.52 17.15 -13.20
C60 2CV Q . -0.57 15.02 -13.37
O63 2CV Q . -1.77 14.42 -12.88
C1 2CV Q . 0.72 5.87 -6.77
C0 2CV Q . 0.33 4.48 -7.29
NA NA R . 7.42 -12.50 -11.16
C11 XF5 S . 7.29 -0.77 -15.16
C12 XF5 S . 8.13 -0.81 -16.41
N13 XF5 S . 9.35 -1.64 -16.26
C14 XF5 S . 9.12 -2.67 -15.24
C15 XF5 S . 9.13 -2.09 -13.89
N10 XF5 S . 7.97 -1.15 -13.87
C3 XF5 S . 7.40 -0.74 -12.73
C4 XF5 S . 7.35 0.56 -12.38
C5 XF5 S . 7.84 1.64 -12.97
C6 XF5 S . 7.54 2.71 -12.23
N7 XF5 S . 6.86 2.27 -11.17
C8 XF5 S . 6.73 0.95 -11.26
C9 XF5 S . 6.13 0.08 -10.47
C1 XF5 S . 6.12 -1.27 -10.77
C2 XF5 S . 6.76 -1.68 -11.92
NA NA T . 3.40 7.77 -27.19
#